data_7PEZ
#
_entry.id   7PEZ
#
_cell.length_a   1.00
_cell.length_b   1.00
_cell.length_c   1.00
_cell.angle_alpha   90.00
_cell.angle_beta   90.00
_cell.angle_gamma   90.00
#
_symmetry.space_group_name_H-M   'P 1'
#
loop_
_entity.id
_entity.type
_entity.pdbx_description
1 polymer 'Histone H3.2'
2 polymer 'Histone H4'
3 polymer 'Histone H2A type 1-B/E'
4 polymer 'Histone H2B type 1-K'
5 polymer 'DNA (182-MER)'
6 polymer 'DNA (182-MER)'
7 polymer 'Histone H1.4'
#
loop_
_entity_poly.entity_id
_entity_poly.type
_entity_poly.pdbx_seq_one_letter_code
_entity_poly.pdbx_strand_id
1 'polypeptide(L)'
;MARTKQTARKSTGGKAPRKQLATKAARKSAPATGGVKKPHRYRPGTVALREIRRYQKSTELLIRKLPFQRLVREIAQDFK
TDLRFQSSAVMALQEASEAYLVGLFEDTNLAAIHAKRVTIMPKDIQLARRIRGERA
;
k,o
2 'polypeptide(L)'
;MSGRGKGGKGLGKGGAKRHRKVLRDNIQGITKPAIRRLARRGGVKRISGLIYEETRGVLKVFLENVIRDAVTYTEHAKRK
TVTAMDVVYALKRQGRTLYGFGG
;
l,p
3 'polypeptide(L)'
;HHHHHHENLYFQSNAPWMSGRGKQGGKARAKAKTRSSRAGLQFPVGRVHRLLRKGNYSERVGAGAPVYLAAVLEYLTAEI
LELAGNAARDNKKTRIIPRHLQLAIRNDEELNKLLGRVTIAQGGVLPNIQAVLLPKKTESHHKAKGK
;
m,q
4 'polypeptide(L)'
;MPEPAKSAPAPKKGSKKAVTKAQKKDGKKRKRSRKESYSVYVYKVLKQVHPDTGISSKAMGIMNSFVNDIFERIAGEASR
LAHYNKRSTITSREIQTAVRLLLPGELAKHAVSEGTKAVTKYTSAK
;
n,e
5 'polydeoxyribonucleotide'
;(DC)(DG)(DG)(DC)(DA)(DC)(DT)(DG)(DG)(DA)(DA)(DC)(DA)(DG)(DG)(DA)(DT)(DG)(DT)(DA)
(DT)(DA)(DT)(DA)(DT)(DG)(DT)(DG)(DA)(DC)(DA)(DC)(DG)(DT)(DG)(DC)(DC)(DT)(DG)(DG)
(DA)(DG)(DA)(DC)(DT)(DA)(DG)(DG)(DG)(DA)(DG)(DT)(DA)(DA)(DT)(DC)(DC)(DC)(DC)(DT)
(DT)(DG)(DG)(DC)(DG)(DG)(DT)(DT)(DA)(DA)(DA)(DA)(DC)(DG)(DC)(DG)(DG)(DG)(DG)(DG)
(DA)(DC)(DA)(DG)(DC)(DG)(DC)(DG)(DT)(DA)(DC)(DG)(DT)(DG)(DC)(DG)(DT)(DT)(DT)(DA)
(DA)(DG)(DC)(DG)(DG)(DT)(DG)(DC)(DT)(DA)(DG)(DA)(DG)(DC)(DT)(DG)(DT)(DC)(DT)(DA)
(DC)(DG)(DA)(DC)(DC)(DA)(DA)(DT)(DT)(DG)(DA)(DG)(DC)(DG)(DG)(DC)(DC)(DT)(DC)(DG)
(DG)(DC)(DA)(DC)(DC)(DG)(DG)(DG)(DA)(DT)(DT)(DC)(DT)(DC)(DC)(DA)(DG)(DG)(DG)(DG)
(DA)(DT)(DC)(DC)(DG)(DG)(DA)(DT)(DG)(DC)(DT)(DC)(DG)(DG)(DG)(DT)(DC)(DC)(DG)(DG)
(DC)(DA)
;
J
6 'polydeoxyribonucleotide'
;(DT)(DG)(DC)(DC)(DG)(DG)(DA)(DC)(DC)(DC)(DG)(DA)(DG)(DC)(DA)(DT)(DC)(DC)(DG)(DG)
(DA)(DT)(DC)(DC)(DC)(DC)(DT)(DG)(DG)(DA)(DG)(DA)(DA)(DT)(DC)(DC)(DC)(DG)(DG)(DT)
(DG)(DC)(DC)(DG)(DA)(DG)(DG)(DC)(DC)(DG)(DC)(DT)(DC)(DA)(DA)(DT)(DT)(DG)(DG)(DT)
(DC)(DG)(DT)(DA)(DG)(DA)(DC)(DA)(DG)(DC)(DT)(DC)(DT)(DA)(DG)(DC)(DA)(DC)(DC)(DG)
(DC)(DT)(DT)(DA)(DA)(DA)(DC)(DG)(DC)(DA)(DC)(DG)(DT)(DA)(DC)(DG)(DC)(DG)(DC)(DT)
(DG)(DT)(DC)(DC)(DC)(DC)(DC)(DG)(DC)(DG)(DT)(DT)(DT)(DT)(DA)(DA)(DC)(DC)(DG)(DC)
(DC)(DA)(DA)(DG)(DG)(DG)(DG)(DA)(DT)(DT)(DA)(DC)(DT)(DC)(DC)(DC)(DT)(DA)(DG)(DT)
(DC)(DT)(DC)(DC)(DA)(DG)(DG)(DC)(DA)(DC)(DG)(DT)(DG)(DT)(DC)(DA)(DC)(DA)(DT)(DA)
(DT)(DA)(DT)(DA)(DC)(DA)(DT)(DC)(DC)(DT)(DG)(DT)(DT)(DC)(DC)(DA)(DG)(DT)(DG)(DC)
(DC)(DG)
;
I
7 'polypeptide(L)'
;SETAPAAPAAPAPAEKTPVKKKARKSAGAAKRKASGPPVSELITKAVAASKERSGVSLAALKKALAAAGYDVEKNNSRIK
LGLKSLVSKGTLVQTKGTGASGSFKLNKKAASGEAKPKAKKAGAAKAKKPAGAAKKPKKATGAATPKKSAKKTPKKAKKP
AAAAGAKKAKSPKKAKAAKPKKAPKSPAKAKAVKPKAAKPKTAKPKAAKPKKAAAKKK
;
s
#
loop_
_chem_comp.id
_chem_comp.type
_chem_comp.name
_chem_comp.formula
DA DNA linking 2'-DEOXYADENOSINE-5'-MONOPHOSPHATE 'C10 H14 N5 O6 P'
DC DNA linking 2'-DEOXYCYTIDINE-5'-MONOPHOSPHATE 'C9 H14 N3 O7 P'
DG DNA linking 2'-DEOXYGUANOSINE-5'-MONOPHOSPHATE 'C10 H14 N5 O7 P'
DT DNA linking THYMIDINE-5'-MONOPHOSPHATE 'C10 H15 N2 O8 P'
#
# COMPACT_ATOMS: atom_id res chain seq x y z
N LYS A 38 -12.81 52.91 -0.97
CA LYS A 38 -11.77 52.12 -0.34
C LYS A 38 -10.93 51.41 -1.39
N PRO A 39 -9.70 51.04 -1.05
CA PRO A 39 -9.00 50.03 -1.85
C PRO A 39 -9.68 48.68 -1.69
N HIS A 40 -9.65 47.91 -2.77
CA HIS A 40 -10.37 46.64 -2.79
C HIS A 40 -9.61 45.58 -1.99
N ARG A 41 -10.35 44.64 -1.42
CA ARG A 41 -9.77 43.47 -0.77
C ARG A 41 -10.71 42.30 -1.03
N TYR A 42 -10.21 41.28 -1.71
CA TYR A 42 -11.01 40.08 -1.87
C TYR A 42 -11.15 39.36 -0.54
N ARG A 43 -12.36 38.87 -0.30
CA ARG A 43 -12.69 38.11 0.89
C ARG A 43 -11.93 36.80 0.89
N PRO A 44 -11.61 36.28 2.09
CA PRO A 44 -10.80 35.07 2.19
C PRO A 44 -11.46 33.85 1.52
N GLY A 45 -10.62 33.04 0.89
CA GLY A 45 -11.07 31.88 0.16
C GLY A 45 -11.19 32.09 -1.34
N THR A 46 -11.54 33.31 -1.77
CA THR A 46 -11.64 33.60 -3.20
C THR A 46 -10.28 33.48 -3.88
N VAL A 47 -9.27 34.17 -3.33
CA VAL A 47 -7.93 34.12 -3.86
C VAL A 47 -7.36 32.72 -3.75
N ALA A 48 -7.59 32.05 -2.63
CA ALA A 48 -7.08 30.71 -2.41
C ALA A 48 -7.63 29.72 -3.44
N LEU A 49 -8.95 29.79 -3.69
CA LEU A 49 -9.55 28.94 -4.70
C LEU A 49 -9.04 29.28 -6.09
N ARG A 50 -8.75 30.56 -6.34
CA ARG A 50 -8.17 30.95 -7.62
C ARG A 50 -6.79 30.32 -7.83
N GLU A 51 -5.96 30.31 -6.79
CA GLU A 51 -4.66 29.66 -6.92
C GLU A 51 -4.81 28.14 -6.99
N ILE A 52 -5.85 27.59 -6.38
CA ILE A 52 -6.12 26.16 -6.52
C ILE A 52 -6.42 25.82 -7.98
N ARG A 53 -7.26 26.63 -8.61
CA ARG A 53 -7.53 26.46 -10.04
C ARG A 53 -6.28 26.63 -10.87
N ARG A 54 -5.46 27.64 -10.52
CA ARG A 54 -4.25 27.96 -11.27
C ARG A 54 -3.24 26.81 -11.21
N TYR A 55 -3.05 26.22 -10.04
CA TYR A 55 -2.02 25.20 -9.88
C TYR A 55 -2.53 23.79 -10.14
N GLN A 56 -3.84 23.59 -10.14
CA GLN A 56 -4.40 22.40 -10.76
C GLN A 56 -4.34 22.50 -12.27
N LYS A 57 -4.33 23.72 -12.82
CA LYS A 57 -4.08 23.92 -14.24
C LYS A 57 -2.61 23.72 -14.59
N SER A 58 -1.71 24.25 -13.77
CA SER A 58 -0.29 24.17 -14.08
C SER A 58 0.29 22.83 -13.65
N THR A 59 1.44 22.49 -14.23
CA THR A 59 2.06 21.18 -14.05
C THR A 59 3.44 21.23 -13.41
N GLU A 60 4.04 22.40 -13.30
CA GLU A 60 5.46 22.52 -13.03
C GLU A 60 5.78 22.36 -11.54
N LEU A 61 7.08 22.20 -11.27
CA LEU A 61 7.56 22.11 -9.89
C LEU A 61 7.40 23.45 -9.18
N LEU A 62 7.13 23.41 -7.88
CA LEU A 62 6.81 24.62 -7.15
C LEU A 62 7.94 25.07 -6.23
N ILE A 63 8.67 24.16 -5.60
CA ILE A 63 9.80 24.52 -4.77
C ILE A 63 10.96 24.90 -5.68
N ARG A 64 11.74 25.88 -5.24
CA ARG A 64 12.97 26.24 -5.94
C ARG A 64 13.92 25.05 -5.97
N LYS A 65 14.56 24.87 -7.13
CA LYS A 65 15.29 23.63 -7.40
C LYS A 65 16.61 23.60 -6.64
N LEU A 66 17.27 24.76 -6.52
CA LEU A 66 18.57 24.81 -5.86
C LEU A 66 18.54 24.43 -4.38
N PRO A 67 17.64 24.97 -3.53
CA PRO A 67 17.64 24.51 -2.13
C PRO A 67 17.24 23.06 -1.98
N PHE A 68 16.35 22.57 -2.86
CA PHE A 68 16.03 21.15 -2.87
C PHE A 68 17.27 20.31 -3.20
N GLN A 69 18.03 20.75 -4.20
CA GLN A 69 19.27 20.08 -4.58
C GLN A 69 20.26 20.08 -3.43
N ARG A 70 20.37 21.21 -2.74
CA ARG A 70 21.23 21.32 -1.58
C ARG A 70 20.79 20.36 -0.49
N LEU A 71 19.48 20.22 -0.31
CA LEU A 71 18.95 19.25 0.65
C LEU A 71 19.26 17.81 0.22
N VAL A 72 19.19 17.53 -1.08
CA VAL A 72 19.53 16.21 -1.60
C VAL A 72 20.98 15.87 -1.29
N ARG A 73 21.88 16.85 -1.54
CA ARG A 73 23.29 16.65 -1.24
C ARG A 73 23.52 16.46 0.25
N GLU A 74 22.80 17.24 1.06
CA GLU A 74 22.90 17.14 2.51
C GLU A 74 22.47 15.77 3.02
N ILE A 75 21.36 15.26 2.49
CA ILE A 75 20.84 13.97 2.96
C ILE A 75 21.74 12.84 2.48
N ALA A 76 22.23 12.93 1.24
CA ALA A 76 23.11 11.88 0.72
C ALA A 76 24.46 11.89 1.41
N GLN A 77 24.89 13.04 1.94
CA GLN A 77 26.15 13.10 2.67
C GLN A 77 26.07 12.30 3.97
N ASP A 78 24.87 12.13 4.52
CA ASP A 78 24.67 11.36 5.74
C ASP A 78 25.04 9.90 5.58
N PHE A 79 25.04 9.38 4.36
CA PHE A 79 25.29 7.98 4.11
C PHE A 79 26.73 7.73 3.67
N LYS A 80 27.26 8.59 2.81
CA LYS A 80 28.57 8.41 2.23
C LYS A 80 29.00 9.75 1.66
N THR A 81 30.28 10.09 1.85
CA THR A 81 30.89 11.27 1.25
C THR A 81 31.21 11.00 -0.22
N ASP A 82 31.86 12.00 -0.84
CA ASP A 82 32.44 11.92 -2.18
C ASP A 82 31.42 11.56 -3.25
N LEU A 83 30.23 12.14 -3.19
CA LEU A 83 29.19 11.77 -4.14
C LEU A 83 28.86 12.89 -5.12
N ARG A 84 28.79 12.54 -6.40
CA ARG A 84 28.29 13.45 -7.41
C ARG A 84 26.85 13.08 -7.75
N PHE A 85 26.17 13.97 -8.48
CA PHE A 85 24.74 13.85 -8.69
C PHE A 85 24.39 14.14 -10.14
N GLN A 86 23.80 13.17 -10.82
CA GLN A 86 23.14 13.49 -12.08
C GLN A 86 21.95 14.39 -11.82
N SER A 87 21.82 15.42 -12.65
CA SER A 87 20.72 16.37 -12.47
C SER A 87 19.38 15.72 -12.72
N SER A 88 19.32 14.78 -13.67
CA SER A 88 18.10 14.05 -13.96
C SER A 88 17.60 13.29 -12.74
N ALA A 89 18.52 12.75 -11.95
CA ALA A 89 18.15 12.16 -10.67
C ALA A 89 17.49 13.20 -9.76
N VAL A 90 18.02 14.42 -9.76
CA VAL A 90 17.50 15.44 -8.84
C VAL A 90 16.10 15.88 -9.24
N MET A 91 15.87 16.10 -10.53
CA MET A 91 14.52 16.48 -10.95
C MET A 91 13.56 15.32 -10.78
N ALA A 92 14.03 14.08 -10.94
CA ALA A 92 13.19 12.93 -10.65
C ALA A 92 12.78 12.91 -9.19
N LEU A 93 13.72 13.18 -8.30
CA LEU A 93 13.42 13.25 -6.87
C LEU A 93 12.43 14.36 -6.57
N GLN A 94 12.62 15.53 -7.19
CA GLN A 94 11.73 16.65 -6.96
C GLN A 94 10.31 16.34 -7.42
N GLU A 95 10.18 15.77 -8.62
CA GLU A 95 8.85 15.45 -9.14
C GLU A 95 8.18 14.37 -8.33
N ALA A 96 8.91 13.32 -7.98
CA ALA A 96 8.34 12.23 -7.19
C ALA A 96 7.94 12.71 -5.81
N SER A 97 8.79 13.54 -5.18
CA SER A 97 8.49 14.06 -3.87
C SER A 97 7.27 14.96 -3.89
N GLU A 98 7.20 15.85 -4.89
CA GLU A 98 6.05 16.75 -4.99
C GLU A 98 4.76 15.99 -5.26
N ALA A 99 4.82 14.95 -6.10
CA ALA A 99 3.63 14.15 -6.37
C ALA A 99 3.17 13.40 -5.14
N TYR A 100 4.12 12.82 -4.40
CA TYR A 100 3.84 12.18 -3.12
C TYR A 100 3.17 13.16 -2.16
N LEU A 101 3.72 14.37 -2.06
CA LEU A 101 3.18 15.36 -1.14
C LEU A 101 1.79 15.80 -1.55
N VAL A 102 1.55 16.08 -2.84
CA VAL A 102 0.23 16.58 -3.23
C VAL A 102 -0.81 15.47 -3.14
N GLY A 103 -0.38 14.22 -3.31
CA GLY A 103 -1.29 13.11 -3.09
C GLY A 103 -1.74 13.02 -1.65
N LEU A 104 -0.78 13.10 -0.72
CA LEU A 104 -1.17 13.07 0.69
C LEU A 104 -1.88 14.37 1.09
N PHE A 105 -1.63 15.46 0.37
CA PHE A 105 -2.40 16.69 0.57
C PHE A 105 -3.86 16.51 0.23
N GLU A 106 -4.15 15.87 -0.91
CA GLU A 106 -5.52 15.59 -1.28
C GLU A 106 -6.17 14.63 -0.29
N ASP A 107 -5.38 13.67 0.20
CA ASP A 107 -5.88 12.74 1.21
C ASP A 107 -6.28 13.46 2.50
N THR A 108 -5.38 14.29 3.01
CA THR A 108 -5.68 15.05 4.23
C THR A 108 -6.78 16.08 3.97
N ASN A 109 -6.89 16.55 2.72
CA ASN A 109 -7.96 17.46 2.34
C ASN A 109 -9.31 16.78 2.52
N LEU A 110 -9.46 15.57 1.96
CA LEU A 110 -10.74 14.87 2.08
C LEU A 110 -10.98 14.43 3.52
N ALA A 111 -9.89 14.15 4.26
CA ALA A 111 -10.03 13.82 5.68
C ALA A 111 -10.58 15.00 6.47
N ALA A 112 -10.07 16.20 6.21
CA ALA A 112 -10.57 17.39 6.89
C ALA A 112 -11.98 17.74 6.44
N ILE A 113 -12.31 17.41 5.19
CA ILE A 113 -13.68 17.53 4.70
C ILE A 113 -14.60 16.63 5.51
N HIS A 114 -14.17 15.40 5.76
CA HIS A 114 -14.91 14.50 6.64
C HIS A 114 -15.00 15.05 8.05
N ALA A 115 -13.93 15.68 8.53
CA ALA A 115 -13.89 16.22 9.88
C ALA A 115 -14.54 17.60 9.98
N LYS A 116 -15.36 17.98 9.00
CA LYS A 116 -16.22 19.17 9.02
C LYS A 116 -15.43 20.47 9.09
N ARG A 117 -14.16 20.44 8.69
CA ARG A 117 -13.29 21.60 8.78
C ARG A 117 -12.78 22.00 7.40
N VAL A 118 -12.34 23.26 7.30
CA VAL A 118 -11.58 23.73 6.15
C VAL A 118 -10.14 24.00 6.50
N THR A 119 -9.80 24.04 7.78
CA THR A 119 -8.44 24.30 8.24
C THR A 119 -7.78 22.96 8.55
N ILE A 120 -6.66 22.70 7.89
CA ILE A 120 -5.94 21.46 8.08
C ILE A 120 -5.03 21.57 9.29
N MET A 121 -4.98 20.52 10.09
CA MET A 121 -4.06 20.40 11.21
C MET A 121 -3.32 19.08 11.09
N PRO A 122 -2.08 19.01 11.61
CA PRO A 122 -1.22 17.84 11.32
C PRO A 122 -1.70 16.55 11.96
N LYS A 123 -2.66 16.61 12.88
CA LYS A 123 -3.30 15.39 13.38
C LYS A 123 -3.99 14.63 12.25
N ASP A 124 -4.56 15.35 11.28
CA ASP A 124 -5.13 14.73 10.10
C ASP A 124 -4.04 14.03 9.30
N ILE A 125 -2.87 14.66 9.20
CA ILE A 125 -1.76 14.10 8.45
C ILE A 125 -1.26 12.82 9.12
N GLN A 126 -1.12 12.84 10.44
CA GLN A 126 -0.68 11.65 11.16
C GLN A 126 -1.69 10.52 11.05
N LEU A 127 -2.98 10.85 11.12
CA LEU A 127 -4.01 9.84 10.94
C LEU A 127 -3.94 9.23 9.54
N ALA A 128 -3.75 10.07 8.52
CA ALA A 128 -3.66 9.60 7.14
C ALA A 128 -2.45 8.70 6.94
N ARG A 129 -1.31 9.08 7.52
CA ARG A 129 -0.11 8.25 7.43
C ARG A 129 -0.32 6.91 8.12
N ARG A 130 -0.87 6.94 9.34
CA ARG A 130 -0.99 5.72 10.13
C ARG A 130 -2.01 4.76 9.53
N ILE A 131 -3.14 5.28 9.05
CA ILE A 131 -4.12 4.42 8.39
C ILE A 131 -3.57 3.94 7.04
N ARG A 132 -2.91 4.84 6.32
CA ARG A 132 -2.19 4.45 5.11
C ARG A 132 -1.05 3.50 5.42
N GLY A 133 -0.53 3.53 6.64
CA GLY A 133 0.47 2.57 7.06
C GLY A 133 1.85 3.13 7.26
N GLU A 134 1.97 4.42 7.56
CA GLU A 134 3.28 5.03 7.77
C GLU A 134 3.30 5.83 9.06
N LYS B 21 30.09 23.48 0.24
CA LYS B 21 30.34 22.04 0.40
C LYS B 21 29.52 21.47 1.57
N VAL B 22 29.90 21.83 2.78
CA VAL B 22 29.24 21.32 3.98
C VAL B 22 27.95 22.11 4.20
N LEU B 23 26.84 21.39 4.35
CA LEU B 23 25.50 21.98 4.42
C LEU B 23 24.86 21.61 5.74
N ARG B 24 24.09 22.54 6.31
CA ARG B 24 23.53 22.37 7.65
C ARG B 24 22.02 22.45 7.72
N ASP B 25 21.41 23.48 7.14
CA ASP B 25 20.03 23.82 7.48
C ASP B 25 19.16 23.91 6.22
N ASN B 26 19.24 22.89 5.39
CA ASN B 26 18.33 22.78 4.26
C ASN B 26 17.00 22.16 4.63
N ILE B 27 16.75 21.94 5.92
CA ILE B 27 15.39 21.71 6.41
C ILE B 27 14.48 22.87 6.07
N GLN B 28 15.01 24.09 6.11
CA GLN B 28 14.21 25.24 5.71
C GLN B 28 14.48 25.68 4.27
N GLY B 29 15.20 24.86 3.51
CA GLY B 29 15.24 25.04 2.07
C GLY B 29 13.89 24.90 1.39
N ILE B 30 12.95 24.20 2.02
CA ILE B 30 11.54 24.26 1.66
C ILE B 30 10.96 25.49 2.37
N THR B 31 10.52 26.45 1.57
CA THR B 31 9.87 27.62 2.15
C THR B 31 8.41 27.32 2.42
N LYS B 32 7.86 28.05 3.39
CA LYS B 32 6.42 27.98 3.65
C LYS B 32 5.56 28.34 2.44
N PRO B 33 5.80 29.45 1.71
CA PRO B 33 4.94 29.71 0.53
C PRO B 33 5.03 28.65 -0.55
N ALA B 34 6.15 27.93 -0.66
CA ALA B 34 6.19 26.77 -1.53
C ALA B 34 5.23 25.70 -1.07
N ILE B 35 5.13 25.50 0.25
CA ILE B 35 4.17 24.56 0.80
C ILE B 35 2.75 25.02 0.55
N ARG B 36 2.50 26.33 0.64
CA ARG B 36 1.18 26.85 0.35
C ARG B 36 0.83 26.68 -1.13
N ARG B 37 1.80 26.86 -2.01
CA ARG B 37 1.57 26.60 -3.43
C ARG B 37 1.22 25.14 -3.67
N LEU B 38 1.96 24.24 -3.02
CA LEU B 38 1.70 22.81 -3.15
C LEU B 38 0.32 22.46 -2.59
N ALA B 39 -0.08 23.14 -1.52
CA ALA B 39 -1.35 22.85 -0.88
C ALA B 39 -2.52 23.39 -1.71
N ARG B 40 -2.33 24.53 -2.39
CA ARG B 40 -3.33 24.96 -3.35
C ARG B 40 -3.40 24.01 -4.54
N ARG B 41 -2.25 23.53 -5.00
CA ARG B 41 -2.25 22.43 -5.95
C ARG B 41 -2.81 21.17 -5.31
N GLY B 42 -2.56 20.98 -4.01
CA GLY B 42 -3.15 19.89 -3.25
C GLY B 42 -4.58 20.12 -2.81
N GLY B 43 -5.19 21.22 -3.25
CA GLY B 43 -6.59 21.46 -2.97
C GLY B 43 -6.90 21.91 -1.56
N VAL B 44 -5.89 22.34 -0.81
CA VAL B 44 -6.07 22.74 0.58
C VAL B 44 -6.44 24.22 0.60
N LYS B 45 -7.43 24.58 1.42
CA LYS B 45 -7.93 25.95 1.47
C LYS B 45 -7.37 26.75 2.63
N ARG B 46 -7.36 26.17 3.83
CA ARG B 46 -6.88 26.86 5.02
C ARG B 46 -5.82 26.02 5.71
N ILE B 47 -4.65 26.62 5.95
CA ILE B 47 -3.45 25.89 6.36
C ILE B 47 -3.00 26.39 7.72
N SER B 48 -2.85 25.49 8.69
CA SER B 48 -2.32 25.86 9.98
C SER B 48 -0.83 26.13 9.90
N GLY B 49 -0.33 26.88 10.90
CA GLY B 49 1.10 27.10 11.02
C GLY B 49 1.87 25.87 11.46
N LEU B 50 1.21 24.93 12.11
CA LEU B 50 1.84 23.70 12.57
C LEU B 50 2.07 22.70 11.45
N ILE B 51 1.45 22.91 10.29
CA ILE B 51 1.49 21.97 9.18
C ILE B 51 2.90 21.81 8.63
N TYR B 52 3.60 22.92 8.44
CA TYR B 52 4.81 22.95 7.61
C TYR B 52 5.93 22.12 8.21
N GLU B 53 6.11 22.20 9.52
CA GLU B 53 7.22 21.50 10.17
C GLU B 53 6.95 20.00 10.24
N GLU B 54 5.70 19.62 10.48
CA GLU B 54 5.33 18.20 10.47
C GLU B 54 5.51 17.60 9.09
N THR B 55 5.09 18.33 8.05
CA THR B 55 5.32 17.88 6.68
C THR B 55 6.81 17.83 6.36
N ARG B 56 7.58 18.76 6.93
CA ARG B 56 9.03 18.71 6.79
C ARG B 56 9.59 17.42 7.37
N GLY B 57 9.13 17.03 8.55
CA GLY B 57 9.58 15.77 9.13
C GLY B 57 9.19 14.57 8.28
N VAL B 58 7.96 14.58 7.75
CA VAL B 58 7.48 13.47 6.93
C VAL B 58 8.31 13.34 5.66
N LEU B 59 8.56 14.47 4.98
CA LEU B 59 9.34 14.42 3.77
C LEU B 59 10.79 14.03 4.06
N LYS B 60 11.32 14.45 5.22
CA LYS B 60 12.65 14.01 5.60
C LYS B 60 12.71 12.50 5.77
N VAL B 61 11.69 11.91 6.38
CA VAL B 61 11.65 10.45 6.52
C VAL B 61 11.65 9.79 5.14
N PHE B 62 10.79 10.28 4.25
CA PHE B 62 10.68 9.70 2.91
C PHE B 62 11.97 9.84 2.10
N LEU B 63 12.61 11.02 2.14
CA LEU B 63 13.85 11.18 1.39
C LEU B 63 15.00 10.43 2.03
N GLU B 64 15.06 10.34 3.36
CA GLU B 64 16.10 9.54 4.00
C GLU B 64 16.01 8.10 3.55
N ASN B 65 14.79 7.57 3.48
CA ASN B 65 14.59 6.19 3.01
C ASN B 65 15.07 6.03 1.57
N VAL B 66 14.57 6.86 0.67
CA VAL B 66 14.81 6.62 -0.76
C VAL B 66 16.27 6.94 -1.11
N ILE B 67 16.85 7.95 -0.47
CA ILE B 67 18.22 8.33 -0.78
C ILE B 67 19.21 7.39 -0.13
N ARG B 68 18.87 6.83 1.05
CA ARG B 68 19.67 5.76 1.62
C ARG B 68 19.75 4.58 0.68
N ASP B 69 18.61 4.19 0.11
CA ASP B 69 18.62 3.07 -0.81
C ASP B 69 19.31 3.43 -2.12
N ALA B 70 19.22 4.69 -2.53
CA ALA B 70 19.95 5.15 -3.71
C ALA B 70 21.46 5.07 -3.50
N VAL B 71 21.91 5.43 -2.29
CA VAL B 71 23.32 5.28 -1.94
C VAL B 71 23.72 3.81 -1.97
N THR B 72 22.85 2.92 -1.45
CA THR B 72 23.11 1.49 -1.52
C THR B 72 23.27 1.01 -2.96
N TYR B 73 22.44 1.55 -3.85
CA TYR B 73 22.55 1.27 -5.28
C TYR B 73 23.90 1.71 -5.82
N THR B 74 24.28 2.95 -5.54
CA THR B 74 25.43 3.55 -6.19
C THR B 74 26.74 2.94 -5.68
N GLU B 75 26.79 2.60 -4.39
CA GLU B 75 27.94 1.85 -3.90
C GLU B 75 27.93 0.45 -4.47
N HIS B 76 26.76 -0.14 -4.65
CA HIS B 76 26.70 -1.41 -5.34
C HIS B 76 27.02 -1.24 -6.82
N ALA B 77 26.72 -0.07 -7.37
CA ALA B 77 27.17 0.26 -8.70
C ALA B 77 28.61 0.74 -8.72
N LYS B 78 29.24 0.89 -7.55
CA LYS B 78 30.64 1.30 -7.40
C LYS B 78 30.90 2.66 -8.03
N ARG B 79 29.93 3.56 -7.95
CA ARG B 79 30.06 4.86 -8.57
C ARG B 79 30.09 5.96 -7.53
N LYS B 80 30.69 7.08 -7.92
CA LYS B 80 30.71 8.29 -7.11
C LYS B 80 29.74 9.34 -7.62
N THR B 81 29.00 9.01 -8.69
CA THR B 81 27.88 9.82 -9.17
C THR B 81 26.65 8.93 -9.14
N VAL B 82 25.53 9.48 -8.67
CA VAL B 82 24.27 8.75 -8.75
C VAL B 82 23.65 8.94 -10.13
N THR B 83 22.84 7.98 -10.55
CA THR B 83 22.06 8.09 -11.77
C THR B 83 20.57 8.13 -11.44
N ALA B 84 19.80 8.61 -12.42
CA ALA B 84 18.35 8.62 -12.27
C ALA B 84 17.77 7.23 -12.39
N MET B 85 18.51 6.27 -12.94
CA MET B 85 18.00 4.91 -13.02
C MET B 85 18.01 4.27 -11.63
N ASP B 86 18.98 4.68 -10.80
CA ASP B 86 18.94 4.35 -9.39
C ASP B 86 17.69 4.93 -8.73
N VAL B 87 17.32 6.14 -9.13
CA VAL B 87 16.10 6.76 -8.63
C VAL B 87 14.88 5.96 -9.09
N VAL B 88 14.94 5.41 -10.30
CA VAL B 88 13.88 4.54 -10.80
C VAL B 88 13.75 3.30 -9.93
N TYR B 89 14.88 2.73 -9.54
CA TYR B 89 14.85 1.59 -8.61
C TYR B 89 14.26 2.01 -7.27
N ALA B 90 14.64 3.20 -6.80
CA ALA B 90 14.21 3.69 -5.50
C ALA B 90 12.72 3.97 -5.47
N LEU B 91 12.15 4.38 -6.59
CA LEU B 91 10.71 4.58 -6.62
C LEU B 91 9.98 3.26 -6.82
N LYS B 92 10.58 2.31 -7.54
CA LYS B 92 9.83 1.10 -7.87
C LYS B 92 9.73 0.15 -6.68
N ARG B 93 10.73 0.14 -5.77
CA ARG B 93 10.62 -0.88 -4.72
C ARG B 93 9.58 -0.59 -3.64
N GLN B 94 8.84 0.52 -3.71
CA GLN B 94 7.51 0.53 -3.10
C GLN B 94 6.39 0.80 -4.08
N GLY B 95 6.66 0.71 -5.38
CA GLY B 95 5.60 0.95 -6.35
C GLY B 95 5.11 2.37 -6.38
N ARG B 96 6.01 3.34 -6.46
CA ARG B 96 5.68 4.75 -6.61
C ARG B 96 6.08 5.20 -7.99
N THR B 97 5.70 4.36 -8.96
CA THR B 97 6.40 4.27 -10.23
C THR B 97 6.24 5.52 -11.09
N LEU B 98 7.38 6.01 -11.59
CA LEU B 98 7.47 7.25 -12.35
C LEU B 98 8.02 6.93 -13.72
N TYR B 99 7.49 7.60 -14.74
CA TYR B 99 7.89 7.37 -16.11
C TYR B 99 8.68 8.56 -16.63
N GLY B 100 9.57 8.29 -17.58
CA GLY B 100 10.23 9.34 -18.33
C GLY B 100 11.62 9.73 -17.86
N PHE B 101 12.28 8.90 -17.06
CA PHE B 101 13.61 9.18 -16.55
C PHE B 101 14.56 8.04 -16.87
N GLY B 102 14.58 7.63 -18.13
CA GLY B 102 15.43 6.54 -18.55
C GLY B 102 14.84 5.16 -18.36
N GLY B 103 13.55 5.07 -18.04
CA GLY B 103 12.90 3.79 -17.87
C GLY B 103 12.30 3.26 -19.16
N ALA C 28 38.17 -43.89 -4.05
CA ALA C 28 39.31 -43.06 -3.69
C ALA C 28 38.84 -41.64 -3.33
N ARG C 29 37.54 -41.45 -3.35
CA ARG C 29 36.97 -40.14 -3.01
C ARG C 29 37.07 -39.89 -1.51
N ALA C 30 37.28 -38.62 -1.16
CA ALA C 30 37.30 -38.23 0.24
C ALA C 30 35.89 -38.26 0.83
N LYS C 31 35.83 -38.21 2.17
CA LYS C 31 34.55 -38.22 2.85
C LYS C 31 33.78 -36.94 2.56
N ALA C 32 32.55 -37.10 2.10
CA ALA C 32 31.73 -35.97 1.69
C ALA C 32 31.18 -35.26 2.91
N LYS C 33 31.68 -34.05 3.17
CA LYS C 33 31.03 -33.17 4.11
C LYS C 33 29.86 -32.49 3.39
N THR C 34 29.02 -31.79 4.15
CA THR C 34 28.01 -30.94 3.56
C THR C 34 28.50 -29.52 3.63
N ARG C 35 28.00 -28.69 2.71
CA ARG C 35 28.35 -27.28 2.74
C ARG C 35 27.75 -26.60 3.97
N SER C 36 26.64 -27.12 4.48
CA SER C 36 26.11 -26.67 5.76
C SER C 36 27.09 -26.98 6.89
N SER C 37 27.70 -28.17 6.87
CA SER C 37 28.72 -28.50 7.85
C SER C 37 29.97 -27.67 7.65
N ARG C 38 30.28 -27.35 6.39
CA ARG C 38 31.43 -26.49 6.10
C ARG C 38 31.23 -25.09 6.65
N ALA C 39 29.99 -24.62 6.63
CA ALA C 39 29.63 -23.40 7.34
C ALA C 39 29.21 -23.65 8.78
N GLY C 40 29.10 -24.91 9.19
CA GLY C 40 28.67 -25.23 10.54
C GLY C 40 27.24 -24.85 10.84
N LEU C 41 26.35 -24.89 9.86
CA LEU C 41 25.00 -24.37 10.00
C LEU C 41 23.96 -25.47 9.83
N GLN C 42 22.71 -25.09 10.04
CA GLN C 42 21.59 -26.02 10.06
C GLN C 42 20.94 -26.22 8.70
N PHE C 43 20.82 -25.16 7.92
CA PHE C 43 19.99 -25.19 6.72
C PHE C 43 20.73 -25.88 5.56
N PRO C 44 20.00 -26.61 4.70
CA PRO C 44 20.63 -27.34 3.60
C PRO C 44 21.08 -26.41 2.48
N VAL C 45 22.39 -26.28 2.32
CA VAL C 45 22.94 -25.42 1.28
C VAL C 45 22.65 -25.98 -0.10
N GLY C 46 22.71 -27.30 -0.24
CA GLY C 46 22.43 -27.92 -1.53
C GLY C 46 21.00 -27.73 -1.98
N ARG C 47 20.05 -27.89 -1.05
CA ARG C 47 18.64 -27.67 -1.35
C ARG C 47 18.39 -26.25 -1.83
N VAL C 48 18.86 -25.25 -1.07
CA VAL C 48 18.56 -23.87 -1.38
C VAL C 48 19.30 -23.44 -2.65
N HIS C 49 20.52 -23.94 -2.85
CA HIS C 49 21.26 -23.62 -4.07
C HIS C 49 20.59 -24.25 -5.28
N ARG C 50 20.04 -25.44 -5.11
CA ARG C 50 19.26 -26.06 -6.17
C ARG C 50 18.00 -25.24 -6.46
N LEU C 51 17.37 -24.73 -5.41
CA LEU C 51 16.22 -23.83 -5.59
C LEU C 51 16.61 -22.58 -6.37
N LEU C 52 17.78 -22.03 -6.08
CA LEU C 52 18.26 -20.86 -6.79
C LEU C 52 18.55 -21.16 -8.25
N ARG C 53 19.14 -22.33 -8.53
CA ARG C 53 19.49 -22.67 -9.90
C ARG C 53 18.25 -22.96 -10.73
N LYS C 54 17.28 -23.69 -10.17
CA LYS C 54 16.07 -23.97 -10.91
C LYS C 54 15.00 -22.91 -10.71
N GLY C 55 15.31 -21.83 -10.00
CA GLY C 55 14.36 -20.75 -9.87
C GLY C 55 14.24 -19.83 -11.07
N ASN C 56 15.02 -20.08 -12.14
CA ASN C 56 15.09 -19.22 -13.34
C ASN C 56 15.56 -17.80 -12.97
N TYR C 57 16.59 -17.75 -12.12
CA TYR C 57 17.13 -16.51 -11.61
C TYR C 57 18.50 -16.17 -12.18
N SER C 58 19.39 -17.16 -12.30
CA SER C 58 20.61 -17.02 -13.05
C SER C 58 21.07 -18.41 -13.46
N GLU C 59 21.87 -18.46 -14.52
CA GLU C 59 22.52 -19.69 -14.91
C GLU C 59 23.71 -20.02 -14.01
N ARG C 60 24.42 -19.00 -13.54
CA ARG C 60 25.54 -19.21 -12.64
C ARG C 60 25.26 -18.56 -11.29
N VAL C 61 25.59 -19.29 -10.24
CA VAL C 61 25.45 -18.83 -8.86
C VAL C 61 26.77 -19.13 -8.16
N GLY C 62 27.34 -18.12 -7.49
CA GLY C 62 28.56 -18.32 -6.76
C GLY C 62 28.38 -19.24 -5.58
N ALA C 63 29.52 -19.74 -5.08
CA ALA C 63 29.48 -20.80 -4.06
C ALA C 63 29.01 -20.26 -2.72
N GLY C 64 29.51 -19.10 -2.31
CA GLY C 64 29.22 -18.60 -0.98
C GLY C 64 27.88 -17.95 -0.81
N ALA C 65 27.21 -17.59 -1.90
CA ALA C 65 25.91 -16.92 -1.79
C ALA C 65 24.80 -17.80 -1.18
N PRO C 66 24.60 -19.07 -1.58
CA PRO C 66 23.59 -19.88 -0.86
C PRO C 66 23.96 -20.13 0.59
N VAL C 67 25.25 -20.24 0.89
CA VAL C 67 25.71 -20.37 2.27
C VAL C 67 25.31 -19.14 3.08
N TYR C 68 25.54 -17.96 2.50
CA TYR C 68 25.22 -16.70 3.16
C TYR C 68 23.71 -16.59 3.36
N LEU C 69 22.94 -16.98 2.35
CA LEU C 69 21.49 -16.90 2.43
C LEU C 69 20.96 -17.84 3.50
N ALA C 70 21.52 -19.04 3.59
CA ALA C 70 21.12 -19.96 4.66
C ALA C 70 21.46 -19.40 6.02
N ALA C 71 22.60 -18.71 6.13
CA ALA C 71 23.00 -18.09 7.39
C ALA C 71 22.01 -17.01 7.82
N VAL C 72 21.59 -16.16 6.89
CA VAL C 72 20.72 -15.05 7.29
C VAL C 72 19.29 -15.54 7.50
N LEU C 73 18.89 -16.58 6.75
CA LEU C 73 17.61 -17.22 7.04
C LEU C 73 17.62 -17.85 8.42
N GLU C 74 18.77 -18.42 8.81
CA GLU C 74 18.94 -18.96 10.15
C GLU C 74 18.84 -17.84 11.19
N TYR C 75 19.42 -16.68 10.89
CA TYR C 75 19.37 -15.55 11.81
C TYR C 75 17.93 -15.09 12.04
N LEU C 76 17.19 -14.85 10.96
CA LEU C 76 15.81 -14.38 11.10
C LEU C 76 14.93 -15.44 11.74
N THR C 77 15.20 -16.72 11.42
CA THR C 77 14.42 -17.81 11.97
C THR C 77 14.64 -17.90 13.47
N ALA C 78 15.89 -17.84 13.92
CA ALA C 78 16.19 -17.88 15.34
C ALA C 78 15.63 -16.66 16.06
N GLU C 79 15.68 -15.49 15.42
CA GLU C 79 15.17 -14.27 16.03
C GLU C 79 13.66 -14.35 16.26
N ILE C 80 12.91 -14.69 15.20
CA ILE C 80 11.45 -14.79 15.31
C ILE C 80 11.06 -15.91 16.25
N LEU C 81 11.75 -17.06 16.16
CA LEU C 81 11.43 -18.19 17.01
C LEU C 81 11.73 -17.90 18.47
N GLU C 82 12.81 -17.18 18.74
CA GLU C 82 13.15 -16.83 20.11
C GLU C 82 12.12 -15.89 20.70
N LEU C 83 11.72 -14.87 19.94
CA LEU C 83 10.71 -13.94 20.45
C LEU C 83 9.35 -14.62 20.61
N ALA C 84 9.02 -15.53 19.70
CA ALA C 84 7.77 -16.27 19.81
C ALA C 84 7.80 -17.21 21.01
N GLY C 85 8.94 -17.84 21.28
CA GLY C 85 9.06 -18.70 22.44
C GLY C 85 8.98 -17.92 23.74
N ASN C 86 9.56 -16.71 23.75
CA ASN C 86 9.42 -15.84 24.91
C ASN C 86 7.97 -15.45 25.14
N ALA C 87 7.26 -15.11 24.06
CA ALA C 87 5.85 -14.72 24.16
C ALA C 87 4.99 -15.90 24.63
N ALA C 88 5.28 -17.11 24.14
CA ALA C 88 4.56 -18.29 24.60
C ALA C 88 4.86 -18.59 26.06
N ARG C 89 6.10 -18.32 26.49
CA ARG C 89 6.46 -18.48 27.89
C ARG C 89 5.73 -17.45 28.75
N ASP C 90 5.41 -16.29 28.18
CA ASP C 90 4.64 -15.29 28.92
C ASP C 90 3.24 -15.80 29.24
N ASN C 91 2.62 -16.54 28.33
CA ASN C 91 1.32 -17.15 28.60
C ASN C 91 1.43 -18.64 28.87
N LYS C 92 2.51 -19.08 29.54
CA LYS C 92 2.67 -20.37 30.22
C LYS C 92 2.32 -21.59 29.36
N LYS C 93 2.58 -21.50 28.05
CA LYS C 93 2.43 -22.65 27.17
C LYS C 93 3.77 -22.98 26.52
N THR C 94 4.08 -24.28 26.46
CA THR C 94 5.34 -24.73 25.91
C THR C 94 5.22 -25.23 24.47
N ARG C 95 4.11 -24.97 23.80
CA ARG C 95 3.97 -25.30 22.38
C ARG C 95 3.48 -24.06 21.66
N ILE C 96 4.19 -23.67 20.61
CA ILE C 96 3.96 -22.38 19.97
C ILE C 96 2.66 -22.42 19.16
N ILE C 97 1.89 -21.35 19.25
CA ILE C 97 0.60 -21.22 18.57
C ILE C 97 0.65 -19.96 17.73
N PRO C 98 -0.20 -19.83 16.70
CA PRO C 98 -0.17 -18.62 15.86
C PRO C 98 -0.48 -17.32 16.59
N ARG C 99 -1.17 -17.39 17.73
CA ARG C 99 -1.44 -16.18 18.52
C ARG C 99 -0.13 -15.53 18.96
N HIS C 100 0.79 -16.32 19.51
CA HIS C 100 2.06 -15.73 19.95
C HIS C 100 2.93 -15.38 18.76
N LEU C 101 2.72 -16.02 17.61
CA LEU C 101 3.40 -15.59 16.39
C LEU C 101 2.94 -14.18 16.01
N GLN C 102 1.64 -13.92 16.08
CA GLN C 102 1.12 -12.58 15.83
C GLN C 102 1.63 -11.58 16.85
N LEU C 103 1.67 -11.99 18.12
CA LEU C 103 2.16 -11.12 19.19
C LEU C 103 3.62 -10.76 18.97
N ALA C 104 4.43 -11.73 18.54
CA ALA C 104 5.83 -11.47 18.27
C ALA C 104 6.00 -10.56 17.06
N ILE C 105 5.26 -10.81 15.98
CA ILE C 105 5.50 -10.08 14.74
C ILE C 105 4.98 -8.65 14.84
N ARG C 106 3.90 -8.44 15.61
CA ARG C 106 3.27 -7.12 15.59
C ARG C 106 3.82 -6.21 16.69
N ASN C 107 4.35 -6.78 17.77
CA ASN C 107 4.94 -5.95 18.81
C ASN C 107 6.36 -5.52 18.49
N ASP C 108 6.93 -6.00 17.39
CA ASP C 108 8.28 -5.66 16.98
C ASP C 108 8.22 -4.82 15.72
N GLU C 109 8.60 -3.54 15.86
CA GLU C 109 8.34 -2.55 14.82
C GLU C 109 9.13 -2.83 13.55
N GLU C 110 10.36 -3.37 13.68
CA GLU C 110 11.10 -3.76 12.49
C GLU C 110 10.45 -4.96 11.83
N LEU C 111 10.04 -5.95 12.63
CA LEU C 111 9.36 -7.12 12.10
C LEU C 111 7.99 -6.76 11.54
N ASN C 112 7.26 -5.91 12.26
CA ASN C 112 5.94 -5.49 11.80
C ASN C 112 6.02 -4.66 10.52
N LYS C 113 6.97 -3.73 10.47
CA LYS C 113 7.17 -2.94 9.26
C LYS C 113 7.63 -3.82 8.11
N LEU C 114 8.44 -4.83 8.42
CA LEU C 114 8.91 -5.76 7.40
C LEU C 114 7.76 -6.57 6.82
N LEU C 115 6.77 -6.90 7.66
CA LEU C 115 5.61 -7.67 7.24
C LEU C 115 4.29 -6.95 7.51
N GLY C 116 4.20 -5.68 7.10
CA GLY C 116 2.96 -4.95 7.26
C GLY C 116 1.84 -5.51 6.40
N ARG C 117 2.17 -6.00 5.21
CA ARG C 117 1.20 -6.52 4.26
C ARG C 117 0.94 -8.01 4.45
N VAL C 118 1.21 -8.54 5.63
CA VAL C 118 1.20 -9.98 5.86
C VAL C 118 0.08 -10.34 6.82
N THR C 119 -0.72 -11.34 6.42
CA THR C 119 -1.89 -11.79 7.16
C THR C 119 -1.51 -13.06 7.93
N ILE C 120 -2.06 -13.22 9.13
CA ILE C 120 -1.82 -14.41 9.93
C ILE C 120 -3.15 -15.12 10.17
N ALA C 121 -3.13 -16.45 10.07
CA ALA C 121 -4.31 -17.25 10.35
C ALA C 121 -4.34 -17.66 11.82
N GLN C 122 -5.46 -17.34 12.48
CA GLN C 122 -5.69 -17.60 13.90
C GLN C 122 -4.64 -16.96 14.80
N GLY C 123 -3.99 -15.89 14.33
CA GLY C 123 -3.11 -15.13 15.19
C GLY C 123 -3.81 -14.02 15.93
N GLY C 124 -5.02 -13.68 15.49
CA GLY C 124 -5.73 -12.57 16.10
C GLY C 124 -5.06 -11.24 15.78
N VAL C 125 -5.29 -10.26 16.64
CA VAL C 125 -4.66 -8.96 16.53
C VAL C 125 -4.08 -8.59 17.88
N LEU C 126 -3.24 -7.56 17.89
CA LEU C 126 -2.83 -6.96 19.15
C LEU C 126 -4.04 -6.35 19.84
N PRO C 127 -4.23 -6.61 21.13
CA PRO C 127 -5.27 -5.91 21.88
C PRO C 127 -4.92 -4.43 21.96
N ASN C 128 -5.75 -3.60 21.33
CA ASN C 128 -5.48 -2.17 21.23
C ASN C 128 -6.77 -1.44 21.53
N ILE C 129 -6.83 -0.81 22.70
CA ILE C 129 -8.02 -0.12 23.17
C ILE C 129 -7.74 1.37 23.19
N GLN C 130 -8.57 2.14 22.50
CA GLN C 130 -8.42 3.59 22.53
C GLN C 130 -8.86 4.14 23.87
N ALA C 131 -8.05 5.03 24.43
CA ALA C 131 -8.35 5.61 25.73
C ALA C 131 -9.56 6.53 25.66
N VAL C 132 -9.82 7.12 24.49
CA VAL C 132 -11.01 7.93 24.29
C VAL C 132 -12.27 7.07 24.36
N LEU C 133 -12.19 5.79 24.02
CA LEU C 133 -13.31 4.88 24.21
C LEU C 133 -13.57 4.55 25.66
N LEU C 134 -12.56 4.71 26.53
CA LEU C 134 -12.73 4.38 27.93
C LEU C 134 -13.64 5.40 28.61
N PRO C 135 -14.50 4.94 29.53
CA PRO C 135 -15.41 5.85 30.21
C PRO C 135 -14.70 6.72 31.24
N LYS C 136 -15.50 7.52 31.93
CA LYS C 136 -15.01 8.43 32.96
C LYS C 136 -14.42 7.69 34.15
N LYS D 31 2.47 -45.45 -1.02
CA LYS D 31 3.31 -44.32 -0.63
C LYS D 31 3.02 -43.11 -1.49
N ARG D 32 3.68 -42.00 -1.19
CA ARG D 32 3.53 -40.76 -1.95
C ARG D 32 4.91 -40.17 -2.23
N SER D 33 4.92 -39.12 -3.06
CA SER D 33 6.17 -38.44 -3.39
C SER D 33 6.68 -37.67 -2.18
N ARG D 34 8.01 -37.51 -2.11
CA ARG D 34 8.62 -36.76 -1.03
C ARG D 34 8.25 -35.28 -1.13
N LYS D 35 7.87 -34.70 -0.01
CA LYS D 35 7.58 -33.26 0.08
C LYS D 35 8.63 -32.65 1.01
N GLU D 36 9.49 -31.81 0.45
CA GLU D 36 10.58 -31.23 1.22
C GLU D 36 10.07 -30.21 2.21
N SER D 37 10.66 -30.22 3.41
CA SER D 37 10.21 -29.32 4.45
C SER D 37 11.42 -28.80 5.20
N TYR D 38 11.25 -27.61 5.76
CA TYR D 38 12.26 -27.01 6.63
C TYR D 38 11.99 -27.31 8.08
N SER D 39 10.97 -28.14 8.35
CA SER D 39 10.53 -28.40 9.72
C SER D 39 11.62 -29.05 10.54
N VAL D 40 12.41 -29.92 9.92
CA VAL D 40 13.56 -30.49 10.61
C VAL D 40 14.59 -29.41 10.91
N TYR D 41 14.88 -28.53 9.95
CA TYR D 41 15.98 -27.59 10.13
C TYR D 41 15.57 -26.48 11.08
N VAL D 42 14.34 -25.98 10.91
CA VAL D 42 13.80 -24.96 11.79
C VAL D 42 13.61 -25.53 13.20
N TYR D 43 13.27 -26.82 13.30
CA TYR D 43 13.14 -27.41 14.62
C TYR D 43 14.50 -27.57 15.29
N LYS D 44 15.54 -27.85 14.50
CA LYS D 44 16.91 -27.82 15.02
C LYS D 44 17.26 -26.43 15.54
N VAL D 45 16.96 -25.39 14.76
CA VAL D 45 17.22 -24.02 15.18
C VAL D 45 16.40 -23.67 16.42
N LEU D 46 15.18 -24.21 16.50
CA LEU D 46 14.32 -24.04 17.66
C LEU D 46 14.97 -24.61 18.91
N LYS D 47 15.44 -25.86 18.83
CA LYS D 47 16.12 -26.46 19.97
C LYS D 47 17.45 -25.79 20.27
N GLN D 48 18.04 -25.10 19.29
CA GLN D 48 19.18 -24.24 19.59
C GLN D 48 18.77 -23.05 20.46
N VAL D 49 17.69 -22.35 20.09
CA VAL D 49 17.36 -21.12 20.82
C VAL D 49 16.40 -21.40 21.98
N HIS D 50 15.46 -22.32 21.79
CA HIS D 50 14.53 -22.71 22.85
C HIS D 50 14.53 -24.22 22.94
N PRO D 51 15.43 -24.78 23.75
CA PRO D 51 15.42 -26.24 23.94
C PRO D 51 14.15 -26.76 24.61
N ASP D 52 13.41 -25.88 25.28
CA ASP D 52 12.27 -26.26 26.09
C ASP D 52 10.97 -26.45 25.32
N THR D 53 10.70 -25.63 24.31
CA THR D 53 9.34 -25.51 23.80
C THR D 53 9.09 -26.42 22.59
N GLY D 54 7.82 -26.79 22.44
CA GLY D 54 7.37 -27.55 21.30
C GLY D 54 6.83 -26.65 20.19
N ILE D 55 6.32 -27.29 19.15
CA ILE D 55 5.82 -26.57 17.98
C ILE D 55 4.46 -27.16 17.59
N SER D 56 3.62 -26.33 16.98
CA SER D 56 2.43 -26.83 16.31
C SER D 56 2.69 -26.93 14.81
N SER D 57 1.95 -27.85 14.17
CA SER D 57 2.06 -28.01 12.73
C SER D 57 1.55 -26.80 11.98
N LYS D 58 0.56 -26.12 12.55
CA LYS D 58 0.02 -24.92 11.93
C LYS D 58 1.04 -23.78 11.96
N ALA D 59 1.68 -23.60 13.11
CA ALA D 59 2.75 -22.62 13.22
C ALA D 59 3.90 -22.97 12.29
N MET D 60 4.16 -24.27 12.09
CA MET D 60 5.25 -24.65 11.20
C MET D 60 4.87 -24.41 9.74
N GLY D 61 3.62 -24.61 9.37
CA GLY D 61 3.18 -24.23 8.03
C GLY D 61 3.27 -22.74 7.81
N ILE D 62 2.97 -21.97 8.85
CA ILE D 62 3.20 -20.52 8.83
C ILE D 62 4.67 -20.21 8.59
N MET D 63 5.56 -20.93 9.29
CA MET D 63 7.00 -20.71 9.12
C MET D 63 7.47 -21.08 7.72
N ASN D 64 6.96 -22.18 7.16
CA ASN D 64 7.40 -22.58 5.83
C ASN D 64 6.90 -21.60 4.78
N SER D 65 5.64 -21.16 4.89
CA SER D 65 5.12 -20.15 3.99
C SER D 65 5.92 -18.85 4.11
N PHE D 66 6.25 -18.48 5.35
CA PHE D 66 7.15 -17.37 5.62
C PHE D 66 8.49 -17.49 4.90
N VAL D 67 9.22 -18.58 5.15
CA VAL D 67 10.60 -18.67 4.68
C VAL D 67 10.63 -18.79 3.16
N ASN D 68 9.64 -19.48 2.57
CA ASN D 68 9.59 -19.56 1.13
C ASN D 68 9.26 -18.21 0.52
N ASP D 69 8.34 -17.47 1.16
CA ASP D 69 7.99 -16.12 0.73
C ASP D 69 9.20 -15.21 0.74
N ILE D 70 9.91 -15.15 1.86
CA ILE D 70 11.02 -14.20 1.96
C ILE D 70 12.20 -14.67 1.13
N PHE D 71 12.31 -15.98 0.92
CA PHE D 71 13.34 -16.52 0.04
C PHE D 71 13.12 -16.05 -1.39
N GLU D 72 11.88 -16.16 -1.88
CA GLU D 72 11.62 -15.70 -3.23
C GLU D 72 11.66 -14.18 -3.30
N ARG D 73 11.34 -13.48 -2.21
CA ARG D 73 11.56 -12.03 -2.15
C ARG D 73 13.01 -11.68 -2.41
N ILE D 74 13.90 -12.14 -1.54
CA ILE D 74 15.32 -11.75 -1.60
C ILE D 74 15.94 -12.23 -2.89
N ALA D 75 15.55 -13.41 -3.37
CA ALA D 75 16.05 -13.90 -4.65
C ALA D 75 15.51 -13.07 -5.79
N GLY D 76 14.29 -12.54 -5.66
CA GLY D 76 13.76 -11.69 -6.71
C GLY D 76 14.50 -10.37 -6.82
N GLU D 77 14.76 -9.72 -5.68
CA GLU D 77 15.52 -8.47 -5.78
C GLU D 77 16.95 -8.75 -6.24
N ALA D 78 17.50 -9.90 -5.87
CA ALA D 78 18.80 -10.29 -6.43
C ALA D 78 18.70 -10.51 -7.93
N SER D 79 17.57 -11.01 -8.41
CA SER D 79 17.37 -11.18 -9.84
C SER D 79 17.35 -9.84 -10.55
N ARG D 80 16.62 -8.86 -9.99
CA ARG D 80 16.66 -7.53 -10.59
C ARG D 80 18.05 -6.91 -10.52
N LEU D 81 18.80 -7.15 -9.45
CA LEU D 81 20.17 -6.66 -9.38
C LEU D 81 21.03 -7.28 -10.48
N ALA D 82 20.85 -8.58 -10.74
CA ALA D 82 21.55 -9.23 -11.83
C ALA D 82 21.18 -8.62 -13.17
N HIS D 83 19.91 -8.24 -13.33
CA HIS D 83 19.50 -7.50 -14.52
C HIS D 83 20.19 -6.15 -14.62
N TYR D 84 20.23 -5.40 -13.51
CA TYR D 84 20.70 -4.02 -13.58
C TYR D 84 22.21 -3.98 -13.69
N ASN D 85 22.89 -4.96 -13.13
CA ASN D 85 24.34 -5.02 -13.20
C ASN D 85 24.83 -5.75 -14.42
N LYS D 86 23.93 -6.36 -15.18
CA LYS D 86 24.24 -7.11 -16.40
C LYS D 86 25.25 -8.23 -16.10
N ARG D 87 25.03 -8.94 -15.01
CA ARG D 87 25.96 -9.94 -14.53
C ARG D 87 25.32 -11.32 -14.52
N SER D 88 26.05 -12.28 -15.09
CA SER D 88 25.59 -13.66 -15.24
C SER D 88 25.68 -14.48 -13.96
N THR D 89 26.69 -14.22 -13.13
CA THR D 89 26.96 -15.03 -11.95
C THR D 89 26.56 -14.26 -10.71
N ILE D 90 25.81 -14.91 -9.83
CA ILE D 90 25.36 -14.28 -8.59
C ILE D 90 26.43 -14.48 -7.51
N THR D 91 26.89 -13.40 -6.92
CA THR D 91 27.87 -13.44 -5.85
C THR D 91 27.20 -13.11 -4.53
N SER D 92 27.95 -13.28 -3.45
CA SER D 92 27.45 -12.90 -2.14
C SER D 92 27.30 -11.39 -1.99
N ARG D 93 28.16 -10.62 -2.66
CA ARG D 93 28.13 -9.15 -2.60
C ARG D 93 26.76 -8.61 -2.97
N GLU D 94 26.21 -9.11 -4.07
CA GLU D 94 24.87 -8.76 -4.49
C GLU D 94 23.83 -9.15 -3.46
N ILE D 95 24.06 -10.28 -2.78
CA ILE D 95 23.09 -10.71 -1.78
C ILE D 95 23.14 -9.82 -0.54
N GLN D 96 24.34 -9.42 -0.09
CA GLN D 96 24.44 -8.47 1.03
C GLN D 96 23.79 -7.13 0.68
N THR D 97 23.94 -6.71 -0.57
CA THR D 97 23.27 -5.50 -1.02
C THR D 97 21.76 -5.66 -0.92
N ALA D 98 21.23 -6.78 -1.40
CA ALA D 98 19.80 -7.04 -1.32
C ALA D 98 19.32 -7.15 0.13
N VAL D 99 20.21 -7.58 1.03
CA VAL D 99 19.89 -7.57 2.45
C VAL D 99 19.71 -6.15 2.97
N ARG D 100 20.60 -5.23 2.57
CA ARG D 100 20.31 -3.83 2.92
C ARG D 100 19.05 -3.31 2.25
N LEU D 101 18.69 -3.85 1.10
CA LEU D 101 17.39 -3.48 0.52
C LEU D 101 16.21 -3.96 1.38
N LEU D 102 16.22 -5.21 1.82
CA LEU D 102 15.03 -5.72 2.48
C LEU D 102 14.98 -5.35 3.95
N LEU D 103 16.04 -5.64 4.68
CA LEU D 103 15.92 -5.76 6.13
C LEU D 103 15.85 -4.38 6.79
N PRO D 104 15.04 -4.25 7.86
CA PRO D 104 15.04 -3.01 8.63
C PRO D 104 16.21 -2.90 9.59
N GLY D 105 17.16 -2.07 9.23
CA GLY D 105 18.19 -1.57 10.13
C GLY D 105 19.14 -2.55 10.80
N GLU D 106 19.06 -2.62 12.13
CA GLU D 106 19.99 -3.46 12.89
C GLU D 106 19.85 -4.93 12.54
N LEU D 107 18.67 -5.34 12.09
CA LEU D 107 18.51 -6.64 11.45
C LEU D 107 19.45 -6.79 10.27
N ALA D 108 19.53 -5.76 9.41
CA ALA D 108 20.41 -5.84 8.25
C ALA D 108 21.88 -5.86 8.66
N LYS D 109 22.29 -5.00 9.60
CA LYS D 109 23.68 -5.02 10.01
C LYS D 109 24.08 -6.32 10.70
N HIS D 110 23.23 -6.84 11.58
CA HIS D 110 23.57 -8.09 12.24
C HIS D 110 23.55 -9.27 11.27
N ALA D 111 22.62 -9.26 10.31
CA ALA D 111 22.58 -10.29 9.30
C ALA D 111 23.83 -10.25 8.43
N VAL D 112 24.27 -9.04 8.09
CA VAL D 112 25.53 -8.87 7.34
C VAL D 112 26.69 -9.44 8.12
N SER D 113 26.74 -9.17 9.43
CA SER D 113 27.82 -9.68 10.28
C SER D 113 27.84 -11.20 10.34
N GLU D 114 26.67 -11.79 10.63
CA GLU D 114 26.57 -13.23 10.78
C GLU D 114 26.86 -13.95 9.47
N GLY D 115 26.31 -13.44 8.37
CA GLY D 115 26.61 -14.00 7.08
C GLY D 115 28.07 -13.83 6.69
N THR D 116 28.70 -12.74 7.15
CA THR D 116 30.12 -12.54 6.89
C THR D 116 30.95 -13.60 7.57
N LYS D 117 30.68 -13.85 8.85
CA LYS D 117 31.41 -14.90 9.56
C LYS D 117 31.15 -16.27 8.93
N ALA D 118 29.90 -16.56 8.57
CA ALA D 118 29.59 -17.84 7.95
C ALA D 118 30.30 -17.99 6.61
N VAL D 119 30.40 -16.91 5.84
CA VAL D 119 31.12 -16.93 4.57
C VAL D 119 32.60 -17.17 4.80
N THR D 120 33.17 -16.56 5.85
CA THR D 120 34.59 -16.77 6.14
C THR D 120 34.88 -18.22 6.49
N LYS D 121 34.10 -18.81 7.39
CA LYS D 121 34.37 -20.21 7.74
C LYS D 121 33.93 -21.18 6.65
N TYR D 122 33.03 -20.78 5.76
CA TYR D 122 32.80 -21.61 4.58
C TYR D 122 33.97 -21.50 3.61
N THR D 123 34.60 -20.33 3.53
CA THR D 123 35.76 -20.14 2.66
C THR D 123 36.92 -20.99 3.13
N SER D 124 37.10 -21.08 4.44
CA SER D 124 38.03 -22.01 5.05
C SER D 124 37.39 -23.39 5.28
N ALA D 125 36.22 -23.64 4.70
CA ALA D 125 35.49 -24.90 4.77
C ALA D 125 35.21 -25.36 6.19
N LYS E 38 -34.96 -4.55 41.87
CA LYS E 38 -34.64 -4.20 40.49
C LYS E 38 -33.71 -5.22 39.86
N PRO E 39 -34.06 -5.67 38.65
CA PRO E 39 -33.18 -6.62 37.94
C PRO E 39 -31.87 -5.97 37.53
N HIS E 40 -30.84 -6.81 37.42
CA HIS E 40 -29.52 -6.34 37.03
C HIS E 40 -29.51 -5.95 35.55
N ARG E 41 -28.91 -4.80 35.27
CA ARG E 41 -28.75 -4.35 33.89
C ARG E 41 -27.55 -3.43 33.82
N TYR E 42 -26.61 -3.76 32.92
CA TYR E 42 -25.40 -2.95 32.75
C TYR E 42 -25.71 -1.73 31.89
N ARG E 43 -24.98 -0.64 32.16
CA ARG E 43 -25.07 0.55 31.33
C ARG E 43 -24.47 0.27 29.95
N PRO E 44 -24.94 0.97 28.91
CA PRO E 44 -24.49 0.67 27.55
C PRO E 44 -23.00 0.92 27.34
N GLY E 45 -22.41 0.09 26.48
CA GLY E 45 -21.02 0.20 26.12
C GLY E 45 -20.07 -0.64 26.93
N THR E 46 -20.37 -0.85 28.23
CA THR E 46 -19.45 -1.58 29.10
C THR E 46 -19.35 -3.05 28.70
N VAL E 47 -20.50 -3.67 28.40
CA VAL E 47 -20.48 -5.03 27.87
C VAL E 47 -19.83 -5.05 26.50
N ALA E 48 -20.01 -3.99 25.72
CA ALA E 48 -19.33 -3.88 24.43
C ALA E 48 -17.82 -3.78 24.62
N LEU E 49 -17.38 -3.06 25.67
CA LEU E 49 -15.96 -3.00 25.99
C LEU E 49 -15.42 -4.37 26.38
N ARG E 50 -16.19 -5.12 27.17
CA ARG E 50 -15.79 -6.47 27.54
C ARG E 50 -15.71 -7.38 26.32
N GLU E 51 -16.64 -7.21 25.39
CA GLU E 51 -16.60 -7.94 24.12
C GLU E 51 -15.36 -7.58 23.32
N ILE E 52 -15.00 -6.30 23.30
CA ILE E 52 -13.79 -5.84 22.60
C ILE E 52 -12.56 -6.53 23.19
N ARG E 53 -12.47 -6.54 24.52
CA ARG E 53 -11.33 -7.16 25.19
C ARG E 53 -11.27 -8.65 24.91
N ARG E 54 -12.42 -9.33 25.07
CA ARG E 54 -12.54 -10.77 24.85
C ARG E 54 -12.15 -11.14 23.42
N TYR E 55 -12.58 -10.34 22.46
CA TYR E 55 -12.33 -10.66 21.06
C TYR E 55 -10.95 -10.25 20.62
N GLN E 56 -10.34 -9.27 21.31
CA GLN E 56 -8.95 -8.95 21.03
C GLN E 56 -7.99 -9.96 21.64
N LYS E 57 -8.39 -10.66 22.70
CA LYS E 57 -7.60 -11.83 23.08
C LYS E 57 -7.86 -13.02 22.15
N SER E 58 -9.11 -13.24 21.76
CA SER E 58 -9.44 -14.45 21.03
C SER E 58 -9.13 -14.30 19.54
N THR E 59 -8.89 -15.44 18.89
CA THR E 59 -8.46 -15.46 17.50
C THR E 59 -9.40 -16.22 16.58
N GLU E 60 -10.45 -16.84 17.11
CA GLU E 60 -11.29 -17.73 16.31
C GLU E 60 -12.17 -16.95 15.34
N LEU E 61 -12.71 -17.68 14.37
CA LEU E 61 -13.66 -17.12 13.42
C LEU E 61 -14.97 -16.79 14.12
N LEU E 62 -15.60 -15.69 13.70
CA LEU E 62 -16.78 -15.18 14.37
C LEU E 62 -18.05 -15.37 13.56
N ILE E 63 -17.95 -15.62 12.27
CA ILE E 63 -19.09 -15.96 11.43
C ILE E 63 -19.32 -17.46 11.50
N ARG E 64 -20.59 -17.87 11.43
CA ARG E 64 -20.89 -19.27 11.21
C ARG E 64 -20.40 -19.63 9.81
N LYS E 65 -19.62 -20.72 9.72
CA LYS E 65 -18.83 -20.91 8.52
C LYS E 65 -19.68 -21.42 7.36
N LEU E 66 -20.74 -22.20 7.65
CA LEU E 66 -21.57 -22.80 6.60
C LEU E 66 -22.20 -21.74 5.70
N PRO E 67 -22.78 -20.63 6.21
CA PRO E 67 -23.13 -19.53 5.30
C PRO E 67 -21.94 -18.94 4.56
N PHE E 68 -20.73 -19.01 5.13
CA PHE E 68 -19.58 -18.49 4.39
C PHE E 68 -19.27 -19.36 3.18
N GLN E 69 -19.33 -20.71 3.30
CA GLN E 69 -19.17 -21.50 2.08
C GLN E 69 -20.36 -21.34 1.14
N ARG E 70 -21.55 -21.06 1.69
CA ARG E 70 -22.69 -20.75 0.82
C ARG E 70 -22.40 -19.53 -0.03
N LEU E 71 -21.85 -18.48 0.58
CA LEU E 71 -21.45 -17.28 -0.14
C LEU E 71 -20.32 -17.56 -1.12
N VAL E 72 -19.35 -18.38 -0.70
CA VAL E 72 -18.20 -18.72 -1.55
C VAL E 72 -18.67 -19.41 -2.83
N ARG E 73 -19.55 -20.40 -2.70
CA ARG E 73 -20.02 -21.12 -3.88
C ARG E 73 -20.99 -20.26 -4.69
N GLU E 74 -21.73 -19.37 -4.01
CA GLU E 74 -22.61 -18.43 -4.68
C GLU E 74 -21.84 -17.51 -5.60
N ILE E 75 -20.73 -16.97 -5.11
CA ILE E 75 -19.94 -16.05 -5.91
C ILE E 75 -19.10 -16.82 -6.94
N ALA E 76 -18.68 -18.04 -6.58
CA ALA E 76 -17.81 -18.82 -7.46
C ALA E 76 -18.54 -19.29 -8.71
N GLN E 77 -19.82 -19.68 -8.55
CA GLN E 77 -20.57 -20.15 -9.72
C GLN E 77 -20.87 -19.02 -10.71
N ASP E 78 -20.71 -17.76 -10.29
CA ASP E 78 -20.88 -16.63 -11.19
C ASP E 78 -19.74 -16.49 -12.19
N PHE E 79 -18.59 -17.10 -11.92
CA PHE E 79 -17.49 -17.14 -12.87
C PHE E 79 -17.42 -18.48 -13.59
N LYS E 80 -17.45 -19.58 -12.84
CA LYS E 80 -17.53 -20.91 -13.42
C LYS E 80 -18.27 -21.82 -12.46
N THR E 81 -19.25 -22.53 -12.98
CA THR E 81 -20.11 -23.40 -12.19
C THR E 81 -19.41 -24.77 -12.02
N ASP E 82 -19.83 -25.52 -10.99
CA ASP E 82 -19.35 -26.86 -10.68
C ASP E 82 -17.86 -26.84 -10.31
N LEU E 83 -17.43 -25.80 -9.63
CA LEU E 83 -16.10 -25.81 -9.05
C LEU E 83 -16.14 -26.40 -7.65
N ARG E 84 -15.19 -27.28 -7.38
CA ARG E 84 -15.08 -27.93 -6.08
C ARG E 84 -14.10 -27.14 -5.24
N PHE E 85 -14.09 -27.38 -3.94
CA PHE E 85 -13.34 -26.53 -3.03
C PHE E 85 -12.62 -27.35 -1.98
N GLN E 86 -11.33 -27.10 -1.81
CA GLN E 86 -10.68 -27.46 -0.57
C GLN E 86 -11.32 -26.68 0.56
N SER E 87 -11.59 -27.38 1.68
CA SER E 87 -12.06 -26.68 2.86
C SER E 87 -11.00 -25.74 3.40
N SER E 88 -9.73 -26.14 3.29
CA SER E 88 -8.61 -25.28 3.65
C SER E 88 -8.57 -24.02 2.79
N ALA E 89 -8.94 -24.14 1.51
CA ALA E 89 -9.01 -22.97 0.64
C ALA E 89 -10.04 -21.98 1.18
N VAL E 90 -11.19 -22.48 1.60
CA VAL E 90 -12.24 -21.62 2.14
C VAL E 90 -11.81 -21.02 3.48
N MET E 91 -11.06 -21.78 4.27
CA MET E 91 -10.57 -21.25 5.55
C MET E 91 -9.54 -20.14 5.32
N ALA E 92 -8.70 -20.29 4.30
CA ALA E 92 -7.77 -19.23 3.93
C ALA E 92 -8.52 -17.99 3.46
N LEU E 93 -9.56 -18.20 2.65
CA LEU E 93 -10.42 -17.09 2.22
C LEU E 93 -11.04 -16.38 3.40
N GLN E 94 -11.52 -17.15 4.38
CA GLN E 94 -12.10 -16.57 5.58
C GLN E 94 -11.08 -15.76 6.36
N GLU E 95 -9.92 -16.35 6.68
CA GLU E 95 -8.90 -15.68 7.48
C GLU E 95 -8.46 -14.37 6.84
N ALA E 96 -8.23 -14.39 5.52
CA ALA E 96 -7.93 -13.16 4.80
C ALA E 96 -9.09 -12.18 4.83
N SER E 97 -10.33 -12.67 4.72
CA SER E 97 -11.50 -11.82 4.61
C SER E 97 -11.74 -11.04 5.90
N GLU E 98 -11.97 -11.75 7.00
CA GLU E 98 -12.14 -11.05 8.27
C GLU E 98 -10.87 -10.37 8.76
N ALA E 99 -9.68 -10.75 8.28
CA ALA E 99 -8.50 -9.96 8.61
C ALA E 99 -8.56 -8.59 7.97
N TYR E 100 -8.91 -8.55 6.68
CA TYR E 100 -9.10 -7.28 5.97
C TYR E 100 -10.21 -6.47 6.60
N LEU E 101 -11.31 -7.13 6.98
CA LEU E 101 -12.41 -6.43 7.64
C LEU E 101 -12.00 -5.87 8.99
N VAL E 102 -11.17 -6.60 9.75
CA VAL E 102 -10.73 -6.12 11.05
C VAL E 102 -9.87 -4.87 10.89
N GLY E 103 -8.89 -4.92 9.97
CA GLY E 103 -8.05 -3.76 9.73
C GLY E 103 -8.84 -2.56 9.25
N LEU E 104 -9.80 -2.81 8.36
CA LEU E 104 -10.77 -1.80 7.96
C LEU E 104 -11.54 -1.26 9.17
N PHE E 105 -11.83 -2.11 10.14
CA PHE E 105 -12.61 -1.66 11.29
C PHE E 105 -11.78 -0.80 12.24
N GLU E 106 -10.50 -1.09 12.43
CA GLU E 106 -9.69 -0.16 13.22
C GLU E 106 -9.55 1.17 12.49
N ASP E 107 -9.41 1.13 11.16
CA ASP E 107 -9.36 2.37 10.40
C ASP E 107 -10.68 3.14 10.51
N THR E 108 -11.80 2.43 10.48
CA THR E 108 -13.12 3.03 10.64
C THR E 108 -13.29 3.65 12.01
N ASN E 109 -12.79 2.96 13.05
CA ASN E 109 -12.86 3.50 14.40
C ASN E 109 -12.00 4.76 14.53
N LEU E 110 -10.81 4.75 13.91
CA LEU E 110 -9.96 5.94 13.91
C LEU E 110 -10.65 7.10 13.21
N ALA E 111 -11.36 6.81 12.12
CA ALA E 111 -12.13 7.85 11.45
C ALA E 111 -13.25 8.38 12.32
N ALA E 112 -13.96 7.49 13.02
CA ALA E 112 -15.07 7.90 13.88
C ALA E 112 -14.59 8.75 15.04
N ILE E 113 -13.44 8.40 15.62
CA ILE E 113 -12.86 9.21 16.68
C ILE E 113 -12.37 10.54 16.14
N HIS E 114 -11.75 10.52 14.96
CA HIS E 114 -11.05 11.71 14.46
C HIS E 114 -12.03 12.81 14.06
N ALA E 115 -13.26 12.44 13.76
CA ALA E 115 -14.33 13.41 13.58
C ALA E 115 -15.09 13.67 14.87
N LYS E 116 -14.43 13.50 16.02
CA LYS E 116 -14.89 13.94 17.33
C LYS E 116 -16.12 13.16 17.79
N ARG E 117 -16.15 11.87 17.51
CA ARG E 117 -17.30 11.04 17.83
C ARG E 117 -16.84 9.69 18.36
N VAL E 118 -17.80 8.85 18.72
CA VAL E 118 -17.53 7.44 19.02
C VAL E 118 -18.34 6.49 18.14
N THR E 119 -19.39 6.96 17.47
CA THR E 119 -20.27 6.09 16.71
C THR E 119 -19.86 6.14 15.24
N ILE E 120 -19.78 4.97 14.61
CA ILE E 120 -19.40 4.91 13.21
C ILE E 120 -20.61 5.19 12.32
N MET E 121 -20.34 5.81 11.18
CA MET E 121 -21.29 6.03 10.10
C MET E 121 -20.61 5.63 8.79
N PRO E 122 -21.38 5.38 7.72
CA PRO E 122 -20.77 4.92 6.47
C PRO E 122 -19.77 5.88 5.84
N LYS E 123 -19.83 7.16 6.18
CA LYS E 123 -18.85 8.11 5.64
C LYS E 123 -17.45 7.79 6.12
N ASP E 124 -17.33 7.20 7.32
CA ASP E 124 -16.06 6.63 7.76
C ASP E 124 -15.57 5.57 6.78
N ILE E 125 -16.46 4.67 6.37
CA ILE E 125 -16.11 3.58 5.46
C ILE E 125 -15.70 4.13 4.11
N GLN E 126 -16.44 5.12 3.62
CA GLN E 126 -16.15 5.72 2.32
C GLN E 126 -14.80 6.43 2.33
N LEU E 127 -14.53 7.19 3.39
CA LEU E 127 -13.24 7.86 3.53
C LEU E 127 -12.11 6.84 3.62
N ALA E 128 -12.32 5.76 4.37
CA ALA E 128 -11.30 4.72 4.50
C ALA E 128 -11.02 4.07 3.15
N ARG E 129 -12.07 3.81 2.38
CA ARG E 129 -11.92 3.20 1.08
C ARG E 129 -11.16 4.11 0.13
N ARG E 130 -11.45 5.41 0.17
CA ARG E 130 -10.69 6.36 -0.66
C ARG E 130 -9.23 6.44 -0.24
N ILE E 131 -8.95 6.55 1.06
CA ILE E 131 -7.57 6.79 1.48
C ILE E 131 -6.76 5.51 1.38
N ARG E 132 -7.43 4.35 1.34
CA ARG E 132 -6.73 3.10 1.07
C ARG E 132 -6.49 2.88 -0.41
N GLY E 133 -6.89 3.83 -1.26
CA GLY E 133 -6.75 3.67 -2.68
C GLY E 133 -7.74 2.72 -3.29
N GLU E 134 -8.87 2.51 -2.63
CA GLU E 134 -9.84 1.52 -3.08
C GLU E 134 -11.07 2.20 -3.66
N LYS F 21 -29.87 -25.55 -7.38
CA LYS F 21 -28.63 -25.50 -8.14
C LYS F 21 -27.99 -24.11 -8.05
N VAL F 22 -28.82 -23.08 -8.17
CA VAL F 22 -28.34 -21.71 -8.07
C VAL F 22 -28.42 -21.23 -6.62
N LEU F 23 -27.72 -20.14 -6.33
CA LEU F 23 -27.72 -19.54 -5.00
C LEU F 23 -28.12 -18.07 -5.13
N ARG F 24 -29.03 -17.65 -4.27
CA ARG F 24 -29.73 -16.38 -4.43
C ARG F 24 -29.52 -15.40 -3.29
N ASP F 25 -29.48 -15.86 -2.03
CA ASP F 25 -29.27 -14.95 -0.91
C ASP F 25 -28.56 -15.71 0.21
N ASN F 26 -27.25 -15.56 0.27
CA ASN F 26 -26.46 -15.93 1.43
C ASN F 26 -25.76 -14.75 2.06
N ILE F 27 -25.84 -13.57 1.43
CA ILE F 27 -25.27 -12.36 2.01
C ILE F 27 -26.05 -11.92 3.23
N GLN F 28 -27.34 -12.27 3.31
CA GLN F 28 -28.09 -12.04 4.53
C GLN F 28 -27.87 -13.15 5.55
N GLY F 29 -27.11 -14.18 5.19
CA GLY F 29 -26.54 -15.08 6.18
C GLY F 29 -25.38 -14.49 6.95
N ILE F 30 -24.90 -13.32 6.54
CA ILE F 30 -23.91 -12.56 7.31
C ILE F 30 -24.70 -11.90 8.43
N THR F 31 -24.65 -12.53 9.61
CA THR F 31 -25.44 -12.03 10.72
C THR F 31 -24.80 -10.76 11.29
N LYS F 32 -25.64 -9.78 11.57
CA LYS F 32 -25.19 -8.58 12.25
C LYS F 32 -24.59 -8.81 13.64
N PRO F 33 -24.91 -9.88 14.39
CA PRO F 33 -24.01 -10.24 15.49
C PRO F 33 -22.61 -10.61 15.05
N ALA F 34 -22.43 -11.28 13.92
CA ALA F 34 -21.08 -11.55 13.45
C ALA F 34 -20.39 -10.27 13.03
N ILE F 35 -21.13 -9.36 12.38
CA ILE F 35 -20.58 -8.08 11.96
C ILE F 35 -20.14 -7.27 13.18
N ARG F 36 -20.96 -7.26 14.22
CA ARG F 36 -20.60 -6.51 15.42
C ARG F 36 -19.52 -7.24 16.20
N ARG F 37 -19.42 -8.57 16.08
CA ARG F 37 -18.30 -9.28 16.69
C ARG F 37 -16.98 -8.87 16.05
N LEU F 38 -16.97 -8.77 14.72
CA LEU F 38 -15.78 -8.27 14.04
C LEU F 38 -15.53 -6.80 14.38
N ALA F 39 -16.60 -6.05 14.60
CA ALA F 39 -16.47 -4.65 15.02
C ALA F 39 -15.82 -4.56 16.40
N ARG F 40 -16.19 -5.44 17.32
CA ARG F 40 -15.57 -5.44 18.63
C ARG F 40 -14.12 -5.92 18.55
N ARG F 41 -13.85 -6.94 17.73
CA ARG F 41 -12.46 -7.32 17.48
C ARG F 41 -11.75 -6.26 16.66
N GLY F 42 -12.47 -5.56 15.79
CA GLY F 42 -11.92 -4.40 15.14
C GLY F 42 -11.91 -3.14 15.99
N GLY F 43 -12.45 -3.21 17.20
CA GLY F 43 -12.40 -2.10 18.13
C GLY F 43 -13.50 -1.08 18.01
N VAL F 44 -14.55 -1.37 17.26
CA VAL F 44 -15.67 -0.43 17.09
C VAL F 44 -16.61 -0.57 18.27
N LYS F 45 -16.96 0.56 18.88
CA LYS F 45 -17.82 0.58 20.07
C LYS F 45 -19.28 0.74 19.71
N ARG F 46 -19.65 1.85 19.07
CA ARG F 46 -21.04 2.11 18.76
C ARG F 46 -21.23 2.07 17.25
N ILE F 47 -22.27 1.35 16.82
CA ILE F 47 -22.46 0.98 15.43
C ILE F 47 -23.81 1.53 14.97
N SER F 48 -23.82 2.20 13.84
CA SER F 48 -25.09 2.62 13.23
C SER F 48 -25.81 1.42 12.65
N GLY F 49 -27.13 1.57 12.45
CA GLY F 49 -27.92 0.49 11.88
C GLY F 49 -27.72 0.31 10.39
N LEU F 50 -27.23 1.33 9.69
CA LEU F 50 -27.08 1.28 8.24
C LEU F 50 -25.75 0.69 7.80
N ILE F 51 -24.89 0.32 8.75
CA ILE F 51 -23.54 -0.12 8.43
C ILE F 51 -23.54 -1.47 7.71
N TYR F 52 -24.44 -2.37 8.12
CA TYR F 52 -24.28 -3.80 7.87
C TYR F 52 -24.29 -4.15 6.39
N GLU F 53 -25.29 -3.66 5.66
CA GLU F 53 -25.45 -4.05 4.26
C GLU F 53 -24.34 -3.46 3.40
N GLU F 54 -23.88 -2.25 3.75
CA GLU F 54 -22.78 -1.65 3.01
C GLU F 54 -21.48 -2.40 3.22
N THR F 55 -21.17 -2.80 4.46
CA THR F 55 -20.00 -3.64 4.67
C THR F 55 -20.13 -4.99 3.98
N ARG F 56 -21.36 -5.53 3.95
CA ARG F 56 -21.63 -6.77 3.21
C ARG F 56 -21.26 -6.60 1.74
N GLY F 57 -21.68 -5.49 1.13
CA GLY F 57 -21.36 -5.22 -0.26
C GLY F 57 -19.87 -5.04 -0.49
N VAL F 58 -19.20 -4.37 0.44
CA VAL F 58 -17.77 -4.11 0.30
C VAL F 58 -16.97 -5.41 0.38
N LEU F 59 -17.28 -6.24 1.39
CA LEU F 59 -16.58 -7.51 1.51
C LEU F 59 -16.91 -8.42 0.34
N LYS F 60 -18.15 -8.33 -0.17
CA LYS F 60 -18.53 -9.09 -1.35
C LYS F 60 -17.69 -8.69 -2.56
N VAL F 61 -17.48 -7.38 -2.73
CA VAL F 61 -16.60 -6.88 -3.78
C VAL F 61 -15.21 -7.47 -3.63
N PHE F 62 -14.70 -7.47 -2.40
CA PHE F 62 -13.41 -8.10 -2.11
C PHE F 62 -13.41 -9.59 -2.49
N LEU F 63 -14.55 -10.25 -2.24
CA LEU F 63 -14.67 -11.66 -2.56
C LEU F 63 -14.59 -11.91 -4.05
N GLU F 64 -15.29 -11.12 -4.87
CA GLU F 64 -15.15 -11.32 -6.32
C GLU F 64 -13.74 -10.99 -6.79
N ASN F 65 -13.13 -9.98 -6.15
CA ASN F 65 -11.76 -9.61 -6.51
C ASN F 65 -10.80 -10.76 -6.30
N VAL F 66 -10.99 -11.53 -5.22
CA VAL F 66 -10.13 -12.68 -5.00
C VAL F 66 -10.54 -13.84 -5.88
N ILE F 67 -11.83 -14.16 -5.93
CA ILE F 67 -12.25 -15.45 -6.45
C ILE F 67 -12.28 -15.42 -7.97
N ARG F 68 -12.32 -14.24 -8.59
CA ARG F 68 -12.19 -14.14 -10.03
C ARG F 68 -10.84 -14.65 -10.49
N ASP F 69 -9.78 -14.17 -9.84
CA ASP F 69 -8.45 -14.64 -10.16
C ASP F 69 -8.25 -16.07 -9.68
N ALA F 70 -8.91 -16.47 -8.60
CA ALA F 70 -8.84 -17.87 -8.17
C ALA F 70 -9.47 -18.81 -9.21
N VAL F 71 -10.60 -18.41 -9.79
CA VAL F 71 -11.23 -19.14 -10.88
C VAL F 71 -10.29 -19.21 -12.07
N THR F 72 -9.63 -18.09 -12.39
CA THR F 72 -8.66 -18.07 -13.47
C THR F 72 -7.50 -19.03 -13.20
N TYR F 73 -7.07 -19.10 -11.94
CA TYR F 73 -6.02 -20.03 -11.53
C TYR F 73 -6.43 -21.46 -11.77
N THR F 74 -7.61 -21.83 -11.27
CA THR F 74 -8.07 -23.22 -11.38
C THR F 74 -8.31 -23.59 -12.84
N GLU F 75 -8.77 -22.62 -13.65
CA GLU F 75 -8.91 -22.83 -15.08
C GLU F 75 -7.56 -23.07 -15.75
N HIS F 76 -6.57 -22.24 -15.41
CA HIS F 76 -5.26 -22.41 -16.02
C HIS F 76 -4.54 -23.61 -15.42
N ALA F 77 -4.83 -23.95 -14.17
CA ALA F 77 -4.37 -25.21 -13.61
C ALA F 77 -5.17 -26.40 -14.09
N LYS F 78 -6.17 -26.17 -14.95
CA LYS F 78 -6.93 -27.20 -15.65
C LYS F 78 -7.70 -28.10 -14.70
N ARG F 79 -8.20 -27.54 -13.61
CA ARG F 79 -8.93 -28.31 -12.63
C ARG F 79 -10.35 -27.78 -12.46
N LYS F 80 -11.16 -28.55 -11.75
CA LYS F 80 -12.48 -28.13 -11.32
C LYS F 80 -12.60 -28.08 -9.81
N THR F 81 -11.48 -28.16 -9.10
CA THR F 81 -11.44 -28.09 -7.65
C THR F 81 -10.57 -26.92 -7.23
N VAL F 82 -11.09 -26.07 -6.36
CA VAL F 82 -10.33 -24.91 -5.88
C VAL F 82 -9.47 -25.33 -4.71
N THR F 83 -8.17 -25.03 -4.79
CA THR F 83 -7.21 -25.38 -3.77
C THR F 83 -6.70 -24.12 -3.07
N ALA F 84 -6.09 -24.34 -1.90
CA ALA F 84 -5.64 -23.23 -1.07
C ALA F 84 -4.39 -22.56 -1.64
N MET F 85 -3.66 -23.27 -2.51
CA MET F 85 -2.44 -22.69 -3.06
C MET F 85 -2.79 -21.58 -4.05
N ASP F 86 -3.82 -21.80 -4.85
CA ASP F 86 -4.36 -20.74 -5.70
C ASP F 86 -4.91 -19.61 -4.87
N VAL F 87 -5.48 -19.92 -3.70
CA VAL F 87 -5.94 -18.90 -2.78
C VAL F 87 -4.75 -18.07 -2.29
N VAL F 88 -3.62 -18.73 -2.06
CA VAL F 88 -2.39 -18.03 -1.66
C VAL F 88 -1.95 -17.07 -2.75
N TYR F 89 -1.99 -17.52 -4.01
CA TYR F 89 -1.67 -16.63 -5.12
C TYR F 89 -2.65 -15.46 -5.20
N ALA F 90 -3.94 -15.75 -5.00
CA ALA F 90 -5.00 -14.76 -5.18
C ALA F 90 -4.94 -13.68 -4.09
N LEU F 91 -4.54 -14.07 -2.89
CA LEU F 91 -4.31 -13.07 -1.87
C LEU F 91 -2.99 -12.33 -2.10
N LYS F 92 -1.99 -13.01 -2.66
CA LYS F 92 -0.66 -12.45 -2.62
C LYS F 92 -0.43 -11.46 -3.77
N ARG F 93 -1.18 -11.55 -4.87
CA ARG F 93 -0.94 -10.55 -5.92
C ARG F 93 -1.60 -9.23 -5.58
N GLN F 94 -2.48 -9.22 -4.57
CA GLN F 94 -2.80 -7.97 -3.89
C GLN F 94 -1.97 -7.74 -2.64
N GLY F 95 -0.97 -8.59 -2.36
CA GLY F 95 -0.14 -8.40 -1.20
C GLY F 95 -0.85 -8.56 0.13
N ARG F 96 -1.65 -9.62 0.29
CA ARG F 96 -2.40 -9.86 1.51
C ARG F 96 -1.87 -11.12 2.17
N THR F 97 -0.55 -11.20 2.25
CA THR F 97 0.22 -12.44 2.38
C THR F 97 -0.13 -13.22 3.64
N LEU F 98 -0.71 -14.40 3.45
CA LEU F 98 -1.20 -15.22 4.55
C LEU F 98 -0.36 -16.47 4.67
N TYR F 99 0.09 -16.76 5.88
CA TYR F 99 1.02 -17.84 6.14
C TYR F 99 0.29 -19.01 6.79
N GLY F 100 0.75 -20.22 6.52
CA GLY F 100 0.11 -21.42 7.03
C GLY F 100 -0.78 -22.13 6.04
N PHE F 101 -1.07 -21.54 4.89
CA PHE F 101 -1.82 -22.20 3.84
C PHE F 101 -0.97 -22.50 2.61
N GLY F 102 0.27 -22.02 2.58
CA GLY F 102 1.15 -22.31 1.47
C GLY F 102 1.95 -23.59 1.70
N GLY F 103 2.09 -24.37 0.63
CA GLY F 103 2.80 -25.63 0.68
C GLY F 103 2.43 -26.58 -0.43
N ALA G 28 18.99 -20.00 -52.91
CA ALA G 28 19.86 -20.60 -51.91
C ALA G 28 19.22 -20.55 -50.53
N ARG G 29 18.75 -19.36 -50.15
CA ARG G 29 18.11 -19.19 -48.85
C ARG G 29 16.93 -18.24 -49.03
N ALA G 30 15.92 -18.40 -48.19
CA ALA G 30 14.68 -17.63 -48.33
C ALA G 30 14.91 -16.17 -47.95
N LYS G 31 14.00 -15.33 -48.42
CA LYS G 31 14.03 -13.91 -48.11
C LYS G 31 13.82 -13.69 -46.62
N ALA G 32 14.61 -12.80 -46.03
CA ALA G 32 14.42 -12.44 -44.63
C ALA G 32 13.09 -11.72 -44.46
N LYS G 33 12.19 -12.33 -43.70
CA LYS G 33 10.84 -11.83 -43.53
C LYS G 33 10.55 -11.74 -42.04
N THR G 34 10.09 -10.58 -41.59
CA THR G 34 9.99 -10.35 -40.16
C THR G 34 8.75 -11.02 -39.59
N ARG G 35 8.91 -11.55 -38.37
CA ARG G 35 7.83 -12.19 -37.65
C ARG G 35 6.73 -11.21 -37.27
N SER G 36 7.07 -9.94 -37.06
CA SER G 36 6.05 -8.93 -36.81
C SER G 36 5.15 -8.75 -38.02
N SER G 37 5.73 -8.72 -39.21
CA SER G 37 4.94 -8.66 -40.44
C SER G 37 4.11 -9.92 -40.60
N ARG G 38 4.67 -11.05 -40.19
CA ARG G 38 3.94 -12.31 -40.25
C ARG G 38 2.73 -12.27 -39.33
N ALA G 39 2.91 -11.73 -38.13
CA ALA G 39 1.81 -11.47 -37.23
C ALA G 39 1.14 -10.14 -37.53
N GLY G 40 1.57 -9.46 -38.60
CA GLY G 40 0.95 -8.22 -39.00
C GLY G 40 1.23 -7.09 -38.04
N LEU G 41 2.24 -7.22 -37.22
CA LEU G 41 2.45 -6.35 -36.06
C LEU G 41 3.56 -5.36 -36.34
N GLN G 42 3.73 -4.46 -35.38
CA GLN G 42 4.67 -3.36 -35.46
C GLN G 42 5.86 -3.55 -34.54
N PHE G 43 5.59 -4.00 -33.31
CA PHE G 43 6.62 -4.15 -32.30
C PHE G 43 7.53 -5.31 -32.69
N PRO G 44 8.83 -5.19 -32.45
CA PRO G 44 9.77 -6.25 -32.85
C PRO G 44 9.63 -7.47 -31.95
N VAL G 45 9.01 -8.51 -32.50
CA VAL G 45 8.77 -9.74 -31.74
C VAL G 45 10.08 -10.47 -31.49
N GLY G 46 11.05 -10.33 -32.40
CA GLY G 46 12.37 -10.87 -32.17
C GLY G 46 13.07 -10.22 -30.99
N ARG G 47 12.97 -8.88 -30.90
CA ARG G 47 13.53 -8.17 -29.75
C ARG G 47 12.81 -8.55 -28.46
N VAL G 48 11.48 -8.71 -28.53
CA VAL G 48 10.69 -9.12 -27.37
C VAL G 48 11.15 -10.50 -26.90
N HIS G 49 11.29 -11.45 -27.82
CA HIS G 49 11.67 -12.81 -27.48
C HIS G 49 13.11 -12.85 -26.96
N ARG G 50 13.98 -12.02 -27.52
CA ARG G 50 15.35 -11.94 -27.03
C ARG G 50 15.40 -11.40 -25.61
N LEU G 51 14.61 -10.36 -25.32
CA LEU G 51 14.58 -9.80 -23.97
C LEU G 51 13.95 -10.77 -22.99
N LEU G 52 13.04 -11.61 -23.48
CA LEU G 52 12.55 -12.72 -22.65
C LEU G 52 13.67 -13.69 -22.32
N ARG G 53 14.48 -14.04 -23.33
CA ARG G 53 15.55 -15.01 -23.12
C ARG G 53 16.61 -14.46 -22.18
N LYS G 54 16.94 -13.18 -22.31
CA LYS G 54 17.83 -12.53 -21.37
C LYS G 54 17.14 -12.19 -20.07
N GLY G 55 15.81 -12.20 -20.04
CA GLY G 55 15.09 -12.04 -18.81
C GLY G 55 15.01 -13.30 -17.98
N ASN G 56 15.41 -14.44 -18.57
CA ASN G 56 15.54 -15.72 -17.88
C ASN G 56 14.24 -16.17 -17.23
N TYR G 57 13.11 -15.92 -17.89
CA TYR G 57 11.83 -16.29 -17.32
C TYR G 57 11.56 -17.78 -17.43
N SER G 58 12.05 -18.42 -18.50
CA SER G 58 11.99 -19.87 -18.62
C SER G 58 13.12 -20.32 -19.53
N GLU G 59 13.45 -21.61 -19.44
CA GLU G 59 14.56 -22.14 -20.22
C GLU G 59 14.16 -22.38 -21.67
N ARG G 60 12.86 -22.50 -21.95
CA ARG G 60 12.31 -22.45 -23.30
C ARG G 60 11.08 -21.56 -23.31
N VAL G 61 10.76 -21.03 -24.49
CA VAL G 61 9.58 -20.18 -24.69
C VAL G 61 8.91 -20.61 -25.99
N GLY G 62 7.61 -20.82 -25.94
CA GLY G 62 6.86 -21.12 -27.14
C GLY G 62 6.81 -19.94 -28.09
N ALA G 63 6.56 -20.27 -29.37
CA ALA G 63 6.68 -19.28 -30.44
C ALA G 63 5.61 -18.20 -30.34
N GLY G 64 4.38 -18.57 -29.99
CA GLY G 64 3.29 -17.60 -29.95
C GLY G 64 3.28 -16.68 -28.76
N ALA G 65 4.09 -16.98 -27.76
CA ALA G 65 4.14 -16.15 -26.55
C ALA G 65 4.63 -14.72 -26.80
N PRO G 66 5.80 -14.46 -27.44
CA PRO G 66 6.18 -13.06 -27.65
C PRO G 66 5.29 -12.35 -28.66
N VAL G 67 4.68 -13.10 -29.58
CA VAL G 67 3.70 -12.52 -30.49
C VAL G 67 2.50 -12.00 -29.72
N TYR G 68 1.99 -12.82 -28.80
CA TYR G 68 0.85 -12.43 -27.98
C TYR G 68 1.20 -11.24 -27.09
N LEU G 69 2.42 -11.26 -26.53
CA LEU G 69 2.94 -10.12 -25.78
C LEU G 69 2.94 -8.85 -26.60
N ALA G 70 3.54 -8.89 -27.79
CA ALA G 70 3.63 -7.71 -28.63
C ALA G 70 2.24 -7.19 -28.95
N ALA G 71 1.33 -8.09 -29.34
CA ALA G 71 -0.01 -7.72 -29.78
C ALA G 71 -0.80 -7.04 -28.67
N VAL G 72 -0.75 -7.58 -27.45
CA VAL G 72 -1.49 -6.93 -26.37
C VAL G 72 -0.81 -5.60 -25.98
N LEU G 73 0.51 -5.49 -26.19
CA LEU G 73 1.13 -4.17 -26.03
C LEU G 73 0.65 -3.15 -27.05
N GLU G 74 0.49 -3.53 -28.34
CA GLU G 74 -0.11 -2.53 -29.23
C GLU G 74 -1.56 -2.25 -28.84
N TYR G 75 -2.25 -3.23 -28.23
CA TYR G 75 -3.62 -2.98 -27.83
C TYR G 75 -3.71 -1.93 -26.74
N LEU G 76 -2.94 -2.12 -25.66
CA LEU G 76 -2.91 -1.14 -24.58
C LEU G 76 -2.36 0.20 -25.06
N THR G 77 -1.33 0.16 -25.91
CA THR G 77 -0.73 1.39 -26.42
C THR G 77 -1.73 2.16 -27.27
N ALA G 78 -2.49 1.44 -28.10
CA ALA G 78 -3.51 2.08 -28.92
C ALA G 78 -4.60 2.69 -28.06
N GLU G 79 -4.99 2.00 -26.99
CA GLU G 79 -6.02 2.55 -26.11
C GLU G 79 -5.53 3.82 -25.41
N ILE G 80 -4.32 3.78 -24.85
CA ILE G 80 -3.84 4.93 -24.09
C ILE G 80 -3.53 6.09 -25.02
N LEU G 81 -3.08 5.80 -26.25
CA LEU G 81 -2.81 6.87 -27.19
C LEU G 81 -4.10 7.43 -27.77
N GLU G 82 -5.14 6.61 -27.86
CA GLU G 82 -6.47 7.12 -28.17
C GLU G 82 -6.93 8.11 -27.11
N LEU G 83 -6.74 7.75 -25.84
CA LEU G 83 -7.11 8.66 -24.76
C LEU G 83 -6.27 9.93 -24.79
N ALA G 84 -4.98 9.79 -25.09
CA ALA G 84 -4.10 10.94 -25.20
C ALA G 84 -4.51 11.86 -26.35
N GLY G 85 -4.93 11.27 -27.47
CA GLY G 85 -5.43 12.07 -28.57
C GLY G 85 -6.71 12.80 -28.21
N ASN G 86 -7.60 12.13 -27.47
CA ASN G 86 -8.82 12.79 -27.00
C ASN G 86 -8.48 13.98 -26.11
N ALA G 87 -7.54 13.80 -25.19
CA ALA G 87 -7.11 14.88 -24.31
C ALA G 87 -6.48 16.02 -25.11
N ALA G 88 -5.63 15.69 -26.08
CA ALA G 88 -4.90 16.71 -26.83
C ALA G 88 -5.82 17.52 -27.73
N ARG G 89 -6.79 16.86 -28.38
CA ARG G 89 -7.80 17.61 -29.12
C ARG G 89 -8.69 18.42 -28.19
N ASP G 90 -8.93 17.92 -26.97
CA ASP G 90 -9.57 18.76 -25.96
C ASP G 90 -8.66 19.89 -25.52
N ASN G 91 -7.35 19.64 -25.46
CA ASN G 91 -6.39 20.68 -25.07
C ASN G 91 -5.81 21.43 -26.26
N LYS G 92 -6.35 21.19 -27.47
CA LYS G 92 -6.10 21.95 -28.71
C LYS G 92 -4.61 22.12 -29.03
N LYS G 93 -3.79 21.16 -28.64
CA LYS G 93 -2.38 21.14 -28.99
C LYS G 93 -2.07 19.95 -29.88
N THR G 94 -1.28 20.20 -30.93
CA THR G 94 -0.96 19.18 -31.92
C THR G 94 -0.05 18.10 -31.38
N ARG G 95 0.99 18.46 -30.64
CA ARG G 95 1.93 17.50 -30.10
C ARG G 95 1.53 17.17 -28.66
N ILE G 96 1.45 15.88 -28.36
CA ILE G 96 1.01 15.47 -27.03
C ILE G 96 2.14 15.65 -26.04
N ILE G 97 1.78 15.99 -24.81
CA ILE G 97 2.70 16.35 -23.74
C ILE G 97 2.34 15.49 -22.53
N PRO G 98 3.20 15.39 -21.51
CA PRO G 98 2.82 14.63 -20.31
C PRO G 98 1.57 15.12 -19.59
N ARG G 99 1.23 16.40 -19.70
CA ARG G 99 -0.05 16.86 -19.16
C ARG G 99 -1.22 16.21 -19.90
N HIS G 100 -1.12 16.10 -21.23
CA HIS G 100 -2.12 15.37 -21.99
C HIS G 100 -2.19 13.92 -21.56
N LEU G 101 -1.04 13.33 -21.23
CA LEU G 101 -1.00 11.95 -20.76
C LEU G 101 -1.74 11.81 -19.44
N GLN G 102 -1.47 12.70 -18.48
CA GLN G 102 -2.14 12.70 -17.18
C GLN G 102 -3.64 12.87 -17.32
N LEU G 103 -4.05 13.85 -18.12
CA LEU G 103 -5.47 14.15 -18.30
C LEU G 103 -6.16 13.01 -19.02
N ALA G 104 -5.43 12.33 -19.91
CA ALA G 104 -5.98 11.15 -20.57
C ALA G 104 -6.22 10.03 -19.58
N ILE G 105 -5.23 9.75 -18.73
CA ILE G 105 -5.27 8.51 -17.98
C ILE G 105 -6.14 8.63 -16.73
N ARG G 106 -6.22 9.83 -16.16
CA ARG G 106 -6.80 9.91 -14.82
C ARG G 106 -8.31 10.12 -14.84
N ASN G 107 -8.90 10.36 -16.00
CA ASN G 107 -10.35 10.25 -16.09
C ASN G 107 -10.80 8.87 -16.53
N ASP G 108 -9.87 7.98 -16.86
CA ASP G 108 -10.20 6.57 -17.05
C ASP G 108 -9.92 5.86 -15.74
N GLU G 109 -10.98 5.63 -14.98
CA GLU G 109 -10.84 5.04 -13.66
C GLU G 109 -10.41 3.58 -13.74
N GLU G 110 -10.75 2.91 -14.84
CA GLU G 110 -10.27 1.56 -15.09
C GLU G 110 -8.75 1.49 -15.14
N LEU G 111 -8.13 2.47 -15.80
CA LEU G 111 -6.68 2.58 -15.71
C LEU G 111 -6.27 2.95 -14.29
N ASN G 112 -7.12 3.66 -13.57
CA ASN G 112 -6.75 4.05 -12.20
C ASN G 112 -6.76 2.85 -11.27
N LYS G 113 -7.56 1.83 -11.56
CA LYS G 113 -7.31 0.53 -10.93
C LYS G 113 -6.05 -0.10 -11.50
N LEU G 114 -5.82 0.05 -12.80
CA LEU G 114 -4.64 -0.55 -13.41
C LEU G 114 -3.37 0.14 -12.95
N LEU G 115 -3.35 1.47 -12.93
CA LEU G 115 -2.14 2.26 -12.70
C LEU G 115 -2.33 3.31 -11.61
N GLY G 116 -2.93 2.91 -10.50
CA GLY G 116 -3.10 3.85 -9.39
C GLY G 116 -1.79 4.23 -8.72
N ARG G 117 -0.88 3.26 -8.60
CA ARG G 117 0.40 3.46 -7.94
C ARG G 117 1.45 4.04 -8.88
N VAL G 118 1.04 4.66 -9.98
CA VAL G 118 1.95 5.19 -10.98
C VAL G 118 1.96 6.70 -10.86
N THR G 119 3.16 7.26 -10.81
CA THR G 119 3.36 8.70 -10.85
C THR G 119 3.85 9.10 -12.23
N ILE G 120 3.60 10.35 -12.62
CA ILE G 120 3.82 10.81 -13.98
C ILE G 120 4.62 12.10 -13.91
N ALA G 121 5.71 12.17 -14.67
CA ALA G 121 6.58 13.34 -14.64
C ALA G 121 5.92 14.52 -15.34
N GLN G 122 5.77 15.63 -14.60
CA GLN G 122 5.17 16.88 -15.09
C GLN G 122 3.73 16.69 -15.58
N GLY G 123 3.05 15.65 -15.09
CA GLY G 123 1.69 15.42 -15.49
C GLY G 123 0.73 16.26 -14.69
N GLY G 124 1.13 16.66 -13.48
CA GLY G 124 0.19 17.39 -12.67
C GLY G 124 -0.87 16.49 -12.07
N VAL G 125 -2.02 17.08 -11.79
CA VAL G 125 -3.11 16.40 -11.10
C VAL G 125 -4.41 16.81 -11.80
N LEU G 126 -5.45 16.00 -11.59
CA LEU G 126 -6.78 16.39 -12.02
C LEU G 126 -7.24 17.62 -11.26
N PRO G 127 -7.74 18.64 -11.97
CA PRO G 127 -8.40 19.77 -11.29
C PRO G 127 -9.67 19.28 -10.60
N ASN G 128 -9.64 19.32 -9.27
CA ASN G 128 -10.70 18.70 -8.49
C ASN G 128 -10.92 19.56 -7.25
N ILE G 129 -11.99 20.36 -7.27
CA ILE G 129 -12.37 21.22 -6.16
C ILE G 129 -13.69 20.73 -5.61
N GLN G 130 -13.73 20.49 -4.31
CA GLN G 130 -14.92 19.92 -3.69
C GLN G 130 -15.99 20.99 -3.46
N ALA G 131 -17.25 20.54 -3.43
CA ALA G 131 -18.36 21.47 -3.24
C ALA G 131 -18.35 22.09 -1.86
N VAL G 132 -17.76 21.42 -0.87
CA VAL G 132 -17.62 22.00 0.45
C VAL G 132 -16.67 23.20 0.43
N LEU G 133 -15.68 23.20 -0.47
CA LEU G 133 -14.85 24.38 -0.67
C LEU G 133 -15.63 25.51 -1.32
N LEU G 134 -16.67 25.19 -2.06
CA LEU G 134 -17.48 26.20 -2.70
C LEU G 134 -18.39 26.89 -1.67
N PRO G 135 -18.62 28.18 -1.81
CA PRO G 135 -19.44 28.90 -0.82
C PRO G 135 -20.92 28.59 -0.98
N LYS G 136 -21.70 29.19 -0.07
CA LYS G 136 -23.16 29.05 -0.01
C LYS G 136 -23.60 27.59 0.11
N LYS H 31 32.18 6.95 -31.59
CA LYS H 31 31.51 5.71 -31.25
C LYS H 31 30.54 5.88 -30.09
N ARG H 32 29.25 5.71 -30.34
CA ARG H 32 28.24 5.70 -29.29
C ARG H 32 27.56 4.35 -29.27
N SER H 33 27.20 3.89 -28.08
CA SER H 33 26.58 2.60 -27.89
C SER H 33 25.10 2.69 -28.21
N ARG H 34 24.66 1.91 -29.20
CA ARG H 34 23.27 1.96 -29.62
C ARG H 34 22.36 1.41 -28.53
N LYS H 35 21.35 2.19 -28.17
CA LYS H 35 20.46 1.85 -27.07
C LYS H 35 19.07 1.60 -27.65
N GLU H 36 18.44 0.52 -27.20
CA GLU H 36 17.16 0.14 -27.76
C GLU H 36 16.03 0.87 -27.06
N SER H 37 15.19 1.52 -27.86
CA SER H 37 14.06 2.28 -27.35
C SER H 37 12.91 2.11 -28.32
N TYR H 38 11.70 2.25 -27.80
CA TYR H 38 10.52 1.92 -28.57
C TYR H 38 9.84 3.15 -29.11
N SER H 39 10.50 4.31 -29.01
CA SER H 39 9.88 5.58 -29.34
C SER H 39 9.54 5.68 -30.82
N VAL H 40 10.32 5.02 -31.67
CA VAL H 40 9.94 4.93 -33.08
C VAL H 40 8.67 4.10 -33.23
N TYR H 41 8.54 3.02 -32.46
CA TYR H 41 7.33 2.22 -32.50
C TYR H 41 6.15 2.97 -31.89
N VAL H 42 6.41 3.75 -30.84
CA VAL H 42 5.37 4.59 -30.27
C VAL H 42 4.91 5.63 -31.28
N TYR H 43 5.85 6.22 -32.02
CA TYR H 43 5.52 7.22 -33.04
C TYR H 43 4.69 6.61 -34.15
N LYS H 44 5.04 5.41 -34.61
CA LYS H 44 4.27 4.80 -35.67
C LYS H 44 2.90 4.36 -35.18
N VAL H 45 2.80 3.92 -33.93
CA VAL H 45 1.49 3.62 -33.33
C VAL H 45 0.64 4.89 -33.28
N LEU H 46 1.25 6.01 -32.89
CA LEU H 46 0.53 7.28 -32.84
C LEU H 46 0.05 7.68 -34.22
N LYS H 47 0.90 7.55 -35.24
CA LYS H 47 0.49 7.86 -36.60
C LYS H 47 -0.55 6.87 -37.12
N GLN H 48 -0.57 5.64 -36.60
CA GLN H 48 -1.68 4.74 -36.91
C GLN H 48 -2.98 5.25 -36.32
N VAL H 49 -2.96 5.70 -35.06
CA VAL H 49 -4.21 6.12 -34.45
C VAL H 49 -4.52 7.57 -34.79
N HIS H 50 -3.49 8.41 -34.95
CA HIS H 50 -3.66 9.83 -35.23
C HIS H 50 -2.49 10.29 -36.07
N PRO H 51 -2.65 10.28 -37.40
CA PRO H 51 -1.54 10.74 -38.27
C PRO H 51 -1.19 12.20 -38.08
N ASP H 52 -2.12 12.99 -37.55
CA ASP H 52 -1.96 14.43 -37.43
C ASP H 52 -1.26 14.84 -36.14
N THR H 53 -0.88 13.90 -35.30
CA THR H 53 -0.48 14.18 -33.93
C THR H 53 1.02 13.95 -33.73
N GLY H 54 1.68 14.93 -33.10
CA GLY H 54 3.05 14.79 -32.70
C GLY H 54 3.20 14.41 -31.24
N ILE H 55 4.44 14.46 -30.77
CA ILE H 55 4.79 13.96 -29.45
C ILE H 55 6.11 14.57 -29.01
N SER H 56 6.27 14.76 -27.71
CA SER H 56 7.54 15.23 -27.16
C SER H 56 8.45 14.04 -26.84
N SER H 57 9.74 14.35 -26.67
CA SER H 57 10.72 13.29 -26.39
C SER H 57 10.53 12.71 -25.00
N LYS H 58 10.21 13.56 -24.02
CA LYS H 58 9.95 13.08 -22.68
C LYS H 58 8.66 12.26 -22.64
N ALA H 59 7.68 12.60 -23.48
CA ALA H 59 6.49 11.76 -23.59
C ALA H 59 6.83 10.39 -24.15
N MET H 60 7.76 10.33 -25.12
CA MET H 60 8.22 9.04 -25.62
C MET H 60 9.00 8.27 -24.56
N GLY H 61 9.72 8.98 -23.70
CA GLY H 61 10.36 8.32 -22.57
C GLY H 61 9.36 7.73 -21.61
N ILE H 62 8.26 8.45 -21.36
CA ILE H 62 7.16 7.93 -20.56
C ILE H 62 6.56 6.68 -21.19
N MET H 63 6.37 6.71 -22.52
CA MET H 63 5.81 5.57 -23.21
C MET H 63 6.73 4.35 -23.15
N ASN H 64 8.04 4.58 -23.32
CA ASN H 64 8.99 3.47 -23.23
C ASN H 64 9.06 2.92 -21.82
N SER H 65 8.94 3.80 -20.83
CA SER H 65 8.86 3.37 -19.44
C SER H 65 7.62 2.53 -19.21
N PHE H 66 6.51 2.92 -19.82
CA PHE H 66 5.27 2.14 -19.72
C PHE H 66 5.44 0.77 -20.34
N VAL H 67 6.06 0.71 -21.52
CA VAL H 67 6.28 -0.58 -22.18
C VAL H 67 7.13 -1.49 -21.33
N ASN H 68 8.24 -0.96 -20.81
CA ASN H 68 9.13 -1.75 -19.98
C ASN H 68 8.46 -2.18 -18.68
N ASP H 69 7.63 -1.30 -18.13
CA ASP H 69 6.95 -1.56 -16.86
C ASP H 69 5.95 -2.70 -17.03
N ILE H 70 5.09 -2.61 -18.04
CA ILE H 70 4.11 -3.66 -18.27
C ILE H 70 4.80 -4.95 -18.68
N PHE H 71 5.89 -4.85 -19.44
CA PHE H 71 6.70 -6.00 -19.81
C PHE H 71 7.23 -6.73 -18.60
N GLU H 72 7.84 -6.01 -17.66
CA GLU H 72 8.42 -6.67 -16.50
C GLU H 72 7.35 -7.22 -15.58
N ARG H 73 6.21 -6.53 -15.46
CA ARG H 73 5.08 -7.05 -14.69
C ARG H 73 4.63 -8.38 -15.24
N ILE H 74 4.35 -8.42 -16.55
CA ILE H 74 3.76 -9.60 -17.14
C ILE H 74 4.78 -10.73 -17.20
N ALA H 75 6.06 -10.37 -17.35
CA ALA H 75 7.11 -11.38 -17.45
C ALA H 75 7.37 -12.04 -16.11
N GLY H 76 7.45 -11.24 -15.04
CA GLY H 76 7.59 -11.82 -13.72
C GLY H 76 6.39 -12.65 -13.32
N GLU H 77 5.18 -12.18 -13.66
CA GLU H 77 3.98 -12.95 -13.34
C GLU H 77 3.96 -14.27 -14.10
N ALA H 78 4.34 -14.26 -15.37
CA ALA H 78 4.37 -15.49 -16.16
C ALA H 78 5.46 -16.44 -15.67
N SER H 79 6.59 -15.89 -15.24
CA SER H 79 7.66 -16.72 -14.67
C SER H 79 7.18 -17.42 -13.40
N ARG H 80 6.45 -16.68 -12.55
CA ARG H 80 5.89 -17.30 -11.35
C ARG H 80 4.86 -18.36 -11.68
N LEU H 81 3.97 -18.10 -12.65
CA LEU H 81 2.97 -19.10 -13.01
C LEU H 81 3.60 -20.33 -13.62
N ALA H 82 4.71 -20.15 -14.36
CA ALA H 82 5.48 -21.30 -14.81
C ALA H 82 6.09 -22.04 -13.63
N HIS H 83 6.54 -21.30 -12.62
CA HIS H 83 7.17 -21.91 -11.47
C HIS H 83 6.15 -22.69 -10.63
N TYR H 84 4.88 -22.31 -10.70
CA TYR H 84 3.86 -22.99 -9.90
C TYR H 84 3.54 -24.35 -10.50
N ASN H 85 3.21 -24.39 -11.79
CA ASN H 85 2.81 -25.61 -12.46
C ASN H 85 3.99 -26.38 -13.03
N LYS H 86 5.21 -26.11 -12.54
CA LYS H 86 6.44 -26.78 -12.94
C LYS H 86 6.70 -26.64 -14.44
N ARG H 87 6.35 -25.49 -14.99
CA ARG H 87 6.41 -25.27 -16.43
C ARG H 87 7.75 -24.64 -16.79
N SER H 88 8.39 -25.18 -17.84
CA SER H 88 9.65 -24.62 -18.31
C SER H 88 9.53 -23.97 -19.68
N THR H 89 8.38 -24.05 -20.32
CA THR H 89 8.19 -23.47 -21.65
C THR H 89 6.98 -22.55 -21.62
N ILE H 90 7.20 -21.29 -21.99
CA ILE H 90 6.16 -20.27 -21.92
C ILE H 90 5.47 -20.17 -23.27
N THR H 91 4.16 -20.38 -23.27
CA THR H 91 3.32 -20.18 -24.44
C THR H 91 2.36 -19.04 -24.20
N SER H 92 1.67 -18.65 -25.27
CA SER H 92 0.75 -17.52 -25.22
C SER H 92 -0.46 -17.79 -24.33
N ARG H 93 -0.77 -19.06 -24.05
CA ARG H 93 -1.82 -19.39 -23.09
C ARG H 93 -1.53 -18.82 -21.72
N GLU H 94 -0.26 -18.93 -21.28
CA GLU H 94 0.13 -18.43 -19.97
C GLU H 94 0.03 -16.92 -19.90
N ILE H 95 0.43 -16.22 -20.97
CA ILE H 95 0.27 -14.77 -21.00
C ILE H 95 -1.20 -14.40 -21.02
N GLN H 96 -2.01 -15.16 -21.75
CA GLN H 96 -3.45 -14.89 -21.81
C GLN H 96 -4.08 -14.99 -20.42
N THR H 97 -3.69 -16.03 -19.68
CA THR H 97 -4.10 -16.16 -18.29
C THR H 97 -3.60 -14.98 -17.46
N ALA H 98 -2.33 -14.63 -17.60
CA ALA H 98 -1.74 -13.63 -16.73
C ALA H 98 -2.30 -12.23 -17.03
N VAL H 99 -2.61 -11.94 -18.29
CA VAL H 99 -3.21 -10.64 -18.60
C VAL H 99 -4.65 -10.60 -18.12
N ARG H 100 -5.40 -11.69 -18.26
CA ARG H 100 -6.78 -11.65 -17.79
C ARG H 100 -6.82 -11.63 -16.27
N LEU H 101 -5.73 -12.04 -15.62
CA LEU H 101 -5.52 -11.69 -14.22
C LEU H 101 -5.29 -10.20 -14.06
N LEU H 102 -4.25 -9.66 -14.69
CA LEU H 102 -3.80 -8.30 -14.42
C LEU H 102 -4.76 -7.26 -14.99
N LEU H 103 -5.52 -7.62 -16.00
CA LEU H 103 -6.41 -6.61 -16.58
C LEU H 103 -7.84 -6.86 -16.13
N PRO H 104 -8.47 -5.91 -15.46
CA PRO H 104 -9.90 -6.06 -15.13
C PRO H 104 -10.76 -5.45 -16.22
N GLY H 105 -12.05 -5.76 -16.19
CA GLY H 105 -13.01 -5.17 -17.09
C GLY H 105 -12.92 -5.66 -18.52
N GLU H 106 -13.37 -4.82 -19.45
CA GLU H 106 -13.47 -5.21 -20.85
C GLU H 106 -12.11 -5.31 -21.51
N LEU H 107 -11.10 -4.66 -20.94
CA LEU H 107 -9.77 -4.63 -21.51
C LEU H 107 -9.20 -6.03 -21.64
N ALA H 108 -9.44 -6.87 -20.62
CA ALA H 108 -8.97 -8.24 -20.65
C ALA H 108 -9.60 -9.01 -21.80
N LYS H 109 -10.91 -8.90 -21.97
CA LYS H 109 -11.61 -9.63 -23.02
C LYS H 109 -11.15 -9.18 -24.40
N HIS H 110 -10.99 -7.88 -24.59
CA HIS H 110 -10.58 -7.36 -25.88
C HIS H 110 -9.13 -7.69 -26.20
N ALA H 111 -8.25 -7.65 -25.20
CA ALA H 111 -6.86 -8.01 -25.41
C ALA H 111 -6.72 -9.49 -25.73
N VAL H 112 -7.47 -10.34 -25.02
CA VAL H 112 -7.48 -11.76 -25.32
C VAL H 112 -7.95 -12.00 -26.74
N SER H 113 -9.02 -11.32 -27.16
CA SER H 113 -9.53 -11.48 -28.51
C SER H 113 -8.50 -11.05 -29.56
N GLU H 114 -7.89 -9.87 -29.37
CA GLU H 114 -6.96 -9.35 -30.37
C GLU H 114 -5.69 -10.19 -30.45
N GLY H 115 -5.14 -10.58 -29.31
CA GLY H 115 -3.99 -11.46 -29.31
C GLY H 115 -4.33 -12.83 -29.85
N THR H 116 -5.58 -13.27 -29.67
CA THR H 116 -6.02 -14.52 -30.25
C THR H 116 -6.02 -14.47 -31.77
N LYS H 117 -6.53 -13.38 -32.35
CA LYS H 117 -6.47 -13.24 -33.81
C LYS H 117 -5.03 -13.16 -34.30
N ALA H 118 -4.18 -12.41 -33.59
CA ALA H 118 -2.80 -12.25 -34.02
C ALA H 118 -2.04 -13.57 -33.98
N VAL H 119 -2.13 -14.29 -32.86
CA VAL H 119 -1.47 -15.60 -32.72
C VAL H 119 -2.07 -16.61 -33.69
N THR H 120 -3.38 -16.54 -33.94
CA THR H 120 -4.02 -17.48 -34.85
C THR H 120 -3.55 -17.29 -36.29
N LYS H 121 -3.53 -16.04 -36.77
CA LYS H 121 -3.14 -15.88 -38.17
C LYS H 121 -1.62 -15.92 -38.32
N TYR H 122 -0.89 -15.69 -37.23
CA TYR H 122 0.52 -16.07 -37.19
C TYR H 122 0.68 -17.57 -37.30
N THR H 123 -0.19 -18.34 -36.64
CA THR H 123 -0.10 -19.79 -36.67
C THR H 123 -0.36 -20.31 -38.07
N SER H 124 -1.31 -19.69 -38.78
CA SER H 124 -1.45 -19.98 -40.20
C SER H 124 -0.26 -19.53 -41.03
N ALA H 125 0.49 -18.54 -40.55
CA ALA H 125 1.65 -18.06 -41.29
C ALA H 125 2.88 -18.90 -40.95
N SER K 35 -19.49 33.78 52.96
CA SER K 35 -20.83 33.25 52.72
C SER K 35 -21.38 33.78 51.41
N GLY K 36 -21.80 35.04 51.40
CA GLY K 36 -22.28 35.68 50.20
C GLY K 36 -23.75 35.45 49.94
N PRO K 37 -24.30 36.19 48.98
CA PRO K 37 -25.74 36.08 48.70
C PRO K 37 -26.05 34.85 47.87
N PRO K 38 -27.32 34.49 47.71
CA PRO K 38 -27.68 33.43 46.76
C PRO K 38 -27.37 33.85 45.32
N VAL K 39 -27.43 32.86 44.43
CA VAL K 39 -26.92 33.02 43.07
C VAL K 39 -27.77 33.97 42.24
N SER K 40 -29.00 34.25 42.67
CA SER K 40 -29.87 35.17 41.96
C SER K 40 -29.27 36.58 41.96
N GLU K 41 -28.69 36.98 43.09
CA GLU K 41 -28.03 38.28 43.23
C GLU K 41 -26.88 38.41 42.22
N LEU K 42 -26.01 37.39 42.19
CA LEU K 42 -24.84 37.41 41.33
C LEU K 42 -25.23 37.41 39.86
N ILE K 43 -26.22 36.62 39.48
CA ILE K 43 -26.60 36.57 38.07
C ILE K 43 -27.32 37.85 37.66
N THR K 44 -28.01 38.51 38.59
CA THR K 44 -28.67 39.77 38.26
C THR K 44 -27.65 40.88 37.99
N LYS K 45 -26.61 40.99 38.81
CA LYS K 45 -25.55 41.93 38.44
C LYS K 45 -24.71 41.44 37.26
N ALA K 46 -24.64 40.13 37.03
CA ALA K 46 -23.99 39.62 35.83
C ALA K 46 -24.69 40.08 34.55
N VAL K 47 -26.02 40.07 34.56
CA VAL K 47 -26.76 40.49 33.38
C VAL K 47 -26.90 42.01 33.33
N ALA K 48 -26.88 42.68 34.48
CA ALA K 48 -27.03 44.13 34.51
C ALA K 48 -25.70 44.89 34.46
N ALA K 49 -24.57 44.19 34.38
CA ALA K 49 -23.27 44.87 34.37
C ALA K 49 -23.09 45.74 33.13
N SER K 50 -23.51 45.28 31.96
CA SER K 50 -23.12 45.97 30.74
C SER K 50 -24.31 46.51 29.93
N LYS K 51 -25.36 45.71 29.80
CA LYS K 51 -26.53 46.01 28.94
C LYS K 51 -26.08 46.25 27.49
N GLU K 52 -25.60 45.17 26.89
CA GLU K 52 -25.31 45.12 25.46
C GLU K 52 -26.63 45.18 24.68
N ARG K 53 -26.54 45.62 23.41
CA ARG K 53 -27.71 45.69 22.53
C ARG K 53 -28.40 44.35 22.37
N SER K 54 -27.62 43.30 22.08
CA SER K 54 -28.10 41.94 22.23
C SER K 54 -27.89 41.51 23.66
N GLY K 55 -28.57 40.44 24.07
CA GLY K 55 -28.47 39.99 25.44
C GLY K 55 -27.09 39.47 25.80
N VAL K 56 -26.78 39.38 27.08
CA VAL K 56 -25.48 38.83 27.47
C VAL K 56 -25.49 37.33 27.22
N SER K 57 -24.45 36.85 26.54
CA SER K 57 -24.38 35.44 26.26
C SER K 57 -24.05 34.67 27.53
N LEU K 58 -24.28 33.36 27.47
CA LEU K 58 -23.95 32.49 28.60
C LEU K 58 -22.45 32.51 28.88
N ALA K 59 -21.64 32.52 27.82
CA ALA K 59 -20.19 32.61 27.98
C ALA K 59 -19.77 33.94 28.59
N ALA K 60 -20.39 35.03 28.15
CA ALA K 60 -20.01 36.35 28.67
C ALA K 60 -20.44 36.52 30.13
N LEU K 61 -21.61 36.00 30.50
CA LEU K 61 -22.01 36.09 31.91
C LEU K 61 -21.19 35.15 32.78
N LYS K 62 -20.78 34.00 32.24
CA LYS K 62 -19.84 33.13 32.95
C LYS K 62 -18.49 33.82 33.18
N LYS K 63 -17.99 34.53 32.16
CA LYS K 63 -16.74 35.28 32.31
C LYS K 63 -16.91 36.43 33.31
N ALA K 64 -18.09 37.05 33.32
CA ALA K 64 -18.37 38.12 34.27
C ALA K 64 -18.38 37.61 35.71
N LEU K 65 -19.01 36.45 35.93
CA LEU K 65 -19.02 35.86 37.27
C LEU K 65 -17.64 35.36 37.67
N ALA K 66 -16.84 34.91 36.69
CA ALA K 66 -15.47 34.52 36.98
C ALA K 66 -14.62 35.73 37.37
N ALA K 67 -14.80 36.85 36.68
CA ALA K 67 -14.05 38.07 36.99
C ALA K 67 -14.47 38.66 38.32
N ALA K 68 -15.78 38.64 38.61
CA ALA K 68 -16.25 39.13 39.91
C ALA K 68 -15.87 38.18 41.04
N GLY K 69 -15.85 36.89 40.78
CA GLY K 69 -15.45 35.91 41.77
C GLY K 69 -16.58 35.03 42.27
N TYR K 70 -16.66 33.82 41.74
CA TYR K 70 -17.62 32.82 42.17
C TYR K 70 -17.14 31.46 41.69
N ASP K 71 -17.51 30.41 42.44
CA ASP K 71 -17.16 29.04 42.06
C ASP K 71 -18.05 28.62 40.90
N VAL K 72 -17.64 29.03 39.70
CA VAL K 72 -18.32 28.59 38.48
C VAL K 72 -17.93 27.15 38.16
N GLU K 73 -16.83 26.66 38.75
CA GLU K 73 -16.36 25.31 38.47
C GLU K 73 -17.34 24.26 38.98
N LYS K 74 -17.90 24.46 40.17
CA LYS K 74 -18.74 23.47 40.81
C LYS K 74 -20.22 23.86 40.80
N ASN K 75 -20.53 25.15 40.88
CA ASN K 75 -21.92 25.59 40.90
C ASN K 75 -22.45 25.85 39.50
N ASN K 76 -21.83 25.26 38.48
CA ASN K 76 -22.26 25.47 37.11
C ASN K 76 -23.67 24.93 36.85
N SER K 77 -23.96 23.71 37.35
CA SER K 77 -25.33 23.22 37.31
C SER K 77 -26.24 24.07 38.18
N ARG K 78 -25.73 24.51 39.32
CA ARG K 78 -26.48 25.39 40.21
C ARG K 78 -26.83 26.70 39.53
N ILE K 79 -25.87 27.34 38.87
CA ILE K 79 -26.17 28.64 38.26
C ILE K 79 -26.98 28.45 36.99
N LYS K 80 -26.86 27.30 36.32
CA LYS K 80 -27.71 27.03 35.16
C LYS K 80 -29.17 26.86 35.58
N LEU K 81 -29.42 26.10 36.65
CA LEU K 81 -30.78 25.99 37.14
C LEU K 81 -31.27 27.30 37.75
N GLY K 82 -30.36 28.12 38.29
CA GLY K 82 -30.75 29.43 38.80
C GLY K 82 -31.17 30.38 37.70
N LEU K 83 -30.41 30.41 36.60
CA LEU K 83 -30.80 31.26 35.49
C LEU K 83 -32.06 30.74 34.81
N LYS K 84 -32.24 29.41 34.79
CA LYS K 84 -33.50 28.83 34.33
C LYS K 84 -34.66 29.27 35.21
N SER K 85 -34.43 29.33 36.53
CA SER K 85 -35.45 29.81 37.46
C SER K 85 -35.82 31.26 37.18
N LEU K 86 -34.81 32.14 37.06
CA LEU K 86 -35.07 33.55 36.78
C LEU K 86 -35.72 33.78 35.42
N VAL K 87 -35.44 32.92 34.43
CA VAL K 87 -36.22 32.97 33.20
C VAL K 87 -37.67 32.56 33.46
N SER K 88 -37.88 31.52 34.28
CA SER K 88 -39.25 31.06 34.51
C SER K 88 -40.03 32.05 35.37
N LYS K 89 -39.36 32.76 36.28
CA LYS K 89 -40.04 33.81 37.04
C LYS K 89 -40.37 35.03 36.21
N GLY K 90 -39.81 35.17 35.00
CA GLY K 90 -40.06 36.32 34.18
C GLY K 90 -39.28 37.56 34.54
N THR K 91 -38.44 37.49 35.57
CA THR K 91 -37.55 38.60 35.88
C THR K 91 -36.52 38.80 34.79
N LEU K 92 -36.01 37.70 34.22
CA LEU K 92 -35.09 37.74 33.11
C LEU K 92 -35.73 37.10 31.89
N VAL K 93 -35.38 37.60 30.71
CA VAL K 93 -35.89 37.08 29.45
C VAL K 93 -34.71 36.66 28.58
N GLN K 94 -34.82 35.49 27.98
CA GLN K 94 -33.80 34.94 27.10
C GLN K 94 -33.91 35.62 25.74
N THR K 95 -32.78 36.08 25.21
CA THR K 95 -32.80 36.92 24.03
C THR K 95 -32.95 36.11 22.74
N LYS K 96 -32.00 35.21 22.48
CA LYS K 96 -31.94 34.52 21.20
C LYS K 96 -32.18 33.02 21.31
N GLY K 97 -31.45 32.32 22.16
CA GLY K 97 -31.55 30.88 22.25
C GLY K 97 -32.70 30.41 23.11
N THR K 98 -32.67 29.11 23.40
CA THR K 98 -33.58 28.50 24.35
C THR K 98 -32.77 27.67 25.35
N GLY K 99 -33.13 27.79 26.62
CA GLY K 99 -32.34 27.11 27.64
C GLY K 99 -31.11 27.93 27.99
N ALA K 100 -30.01 27.24 28.27
CA ALA K 100 -28.78 27.91 28.67
C ALA K 100 -28.01 28.50 27.49
N SER K 101 -28.31 28.07 26.26
CA SER K 101 -27.65 28.64 25.10
C SER K 101 -28.31 29.96 24.70
N GLY K 102 -27.64 30.69 23.82
CA GLY K 102 -28.14 31.97 23.37
C GLY K 102 -27.71 33.12 24.27
N SER K 103 -28.57 34.13 24.32
CA SER K 103 -28.29 35.35 25.05
C SER K 103 -29.46 35.66 25.99
N PHE K 104 -29.17 36.49 26.99
CA PHE K 104 -30.12 36.78 28.06
C PHE K 104 -30.06 38.27 28.38
N LYS K 105 -31.23 38.88 28.59
CA LYS K 105 -31.31 40.30 28.94
C LYS K 105 -32.38 40.52 29.99
N LEU K 106 -32.37 41.74 30.55
CA LEU K 106 -33.33 42.10 31.58
C LEU K 106 -34.73 42.23 31.01
N ASN K 107 -35.71 42.34 31.91
CA ASN K 107 -37.10 42.41 31.49
C ASN K 107 -37.44 43.80 30.94
N LYS K 108 -38.71 43.97 30.56
CA LYS K 108 -39.14 45.21 29.91
C LYS K 108 -39.12 46.39 30.87
N LYS K 109 -39.60 46.20 32.09
CA LYS K 109 -39.66 47.28 33.06
C LYS K 109 -39.10 46.83 34.40
#